data_7VC7
#
_entry.id   7VC7
#
_cell.length_a   79.367
_cell.length_b   91.071
_cell.length_c   106.012
_cell.angle_alpha   90.00
_cell.angle_beta   90.00
_cell.angle_gamma   90.00
#
_symmetry.space_group_name_H-M   'P 21 21 21'
#
loop_
_entity.id
_entity.type
_entity.pdbx_description
1 polymer 'xylan 1,4-beta-xylosidase'
2 non-polymer 'PENTAETHYLENE GLYCOL'
3 non-polymer DI(HYDROXYETHYL)ETHER
4 non-polymer 1,2-ETHANEDIOL
5 non-polymer 2-acetamido-2-deoxy-beta-D-glucopyranose
6 non-polymer beta-D-xylopyranose
7 water water
#
_entity_poly.entity_id   1
_entity_poly.type   'polypeptide(L)'
_entity_poly.pdbx_seq_one_letter_code
;AFPDCANGPLKSNLVCNASADPVSRAKALVDALTLEELVNNTVNASPGVPRVGLPPYNWWSEALHGVARSPGTNFSTVPG
SPFSSATSFPQPIILGATFDDDLIHSIATVISTEARAFNNAGRAGLDFFTPNINPFKDPRWGRGQETPGEDPYHIAQYVY
QLITGLQGGLSPDPYYKVVADCKHFAGYDLEDWHGNNRMAFNAVISTQDLAEFYTPSFQSCVRDAHVGSVMCSYNAVNGV
PSCASPYLLQDLIRDHFGLGDGWITSDCDAVDNVFDPHNYTSTLVNASAVSLKAGTDVDCGTTYSQTLVDAVNQKLVTED
DVKTSMVRLYSSLVRLGYFDSPENQPWRQLGWADVNTPSAQALALTAAEEGVVLLKNDGTLPLSRRIKHIAVVGPWANAT
TQMQGNYQGIAPFLISPLQALQDAGFHVSFANGTAINSTDTSGFASALMAAKAADAIVFAGGIDETIESEGHDRDSIEWP
GNQLDLIEQLAALRKPLIVLQMGGGQVDSSSLKASKAVNALLWGGYPGQSGGTAIVNILTGKTAPSGRLPITQYPAAYVD
AIPMTDMALRPSSSSPGRTYKWYTGTPVFDFGFGLHYTSFKLSWAASPPSRFDISSLVAGAKHAGVAFTDLAPLFTFHVA
VKNSGKVTSDYVALLFAHTTVGPSPAPQQELVAYTRVKGITPGRTATAALSVTLGSIARVDESGVRSLYPGKYSVWVDTT
REIMHTFELTGKTTQILGWPQPR
;
_entity_poly.pdbx_strand_id   A
#
# COMPACT_ATOMS: atom_id res chain seq x y z
N ALA A 1 15.10 20.03 -14.93
CA ALA A 1 16.37 20.76 -14.82
C ALA A 1 16.48 21.45 -13.46
N PHE A 2 17.70 21.81 -13.09
CA PHE A 2 18.00 22.45 -11.82
C PHE A 2 18.49 23.88 -12.04
N PRO A 3 18.30 24.77 -11.07
CA PRO A 3 18.79 26.14 -11.21
C PRO A 3 20.31 26.18 -11.26
N ASP A 4 20.83 27.35 -11.65
CA ASP A 4 22.27 27.59 -11.69
C ASP A 4 22.62 28.46 -10.49
N CYS A 5 22.90 27.81 -9.37
CA CYS A 5 23.26 28.52 -8.14
C CYS A 5 24.71 28.97 -8.12
N ALA A 6 25.46 28.72 -9.19
CA ALA A 6 26.84 29.18 -9.31
C ALA A 6 26.98 30.40 -10.21
N ASN A 7 26.27 30.41 -11.35
CA ASN A 7 26.34 31.51 -12.30
C ASN A 7 25.00 32.15 -12.62
N GLY A 8 23.88 31.50 -12.32
CA GLY A 8 22.58 31.99 -12.71
C GLY A 8 22.15 33.23 -11.95
N PRO A 9 20.91 33.66 -12.16
CA PRO A 9 20.42 34.89 -11.49
C PRO A 9 20.20 34.72 -10.00
N LEU A 10 19.95 33.50 -9.53
CA LEU A 10 19.69 33.25 -8.11
C LEU A 10 20.96 33.04 -7.30
N LYS A 11 22.14 33.17 -7.92
CA LYS A 11 23.39 32.84 -7.23
C LYS A 11 23.58 33.70 -5.99
N SER A 12 23.16 34.96 -6.03
CA SER A 12 23.31 35.88 -4.91
C SER A 12 22.11 35.89 -3.99
N ASN A 13 21.14 35.01 -4.21
CA ASN A 13 20.01 34.85 -3.31
C ASN A 13 20.35 33.82 -2.24
N LEU A 14 19.78 34.00 -1.05
CA LEU A 14 20.06 33.08 0.05
C LEU A 14 19.56 31.68 -0.25
N VAL A 15 18.66 31.51 -1.23
CA VAL A 15 18.19 30.17 -1.60
C VAL A 15 19.33 29.34 -2.16
N CYS A 16 20.31 29.98 -2.81
CA CYS A 16 21.47 29.30 -3.36
C CYS A 16 22.61 29.17 -2.37
N ASN A 17 22.36 29.44 -1.09
CA ASN A 17 23.35 29.37 -0.04
C ASN A 17 23.16 28.04 0.70
N ALA A 18 24.09 27.11 0.49
CA ALA A 18 23.95 25.79 1.11
C ALA A 18 24.08 25.86 2.63
N SER A 19 24.85 26.82 3.15
CA SER A 19 25.03 26.93 4.58
C SER A 19 23.79 27.45 5.29
N ALA A 20 22.87 28.09 4.58
CA ALA A 20 21.73 28.73 5.19
C ALA A 20 20.67 27.71 5.59
N ASP A 21 19.71 28.16 6.37
CA ASP A 21 18.61 27.31 6.81
C ASP A 21 17.71 26.99 5.63
N PRO A 22 17.29 25.74 5.45
CA PRO A 22 16.42 25.41 4.29
C PRO A 22 15.16 26.24 4.23
N VAL A 23 14.45 26.38 5.36
CA VAL A 23 13.25 27.21 5.39
C VAL A 23 13.59 28.66 5.07
N SER A 24 14.74 29.13 5.56
CA SER A 24 15.17 30.49 5.23
C SER A 24 15.52 30.62 3.76
N ARG A 25 16.08 29.58 3.15
CA ARG A 25 16.35 29.61 1.71
C ARG A 25 15.04 29.70 0.92
N ALA A 26 14.05 28.90 1.30
CA ALA A 26 12.75 28.99 0.65
C ALA A 26 12.12 30.36 0.83
N LYS A 27 12.26 30.94 2.04
CA LYS A 27 11.73 32.28 2.28
C LYS A 27 12.43 33.32 1.41
N ALA A 28 13.75 33.19 1.25
CA ALA A 28 14.48 34.14 0.42
C ALA A 28 14.09 34.01 -1.05
N LEU A 29 13.82 32.79 -1.50
CA LEU A 29 13.36 32.61 -2.87
C LEU A 29 11.96 33.18 -3.06
N VAL A 30 11.07 32.97 -2.09
CA VAL A 30 9.68 33.41 -2.24
C VAL A 30 9.59 34.93 -2.16
N ASP A 31 10.33 35.55 -1.24
CA ASP A 31 10.33 37.01 -1.14
C ASP A 31 10.90 37.68 -2.38
N ALA A 32 11.72 36.97 -3.15
CA ALA A 32 12.30 37.53 -4.37
C ALA A 32 11.36 37.48 -5.56
N LEU A 33 10.24 36.76 -5.45
CA LEU A 33 9.33 36.57 -6.56
C LEU A 33 8.09 37.44 -6.39
N THR A 34 7.28 37.47 -7.45
CA THR A 34 6.05 38.24 -7.51
C THR A 34 4.88 37.36 -7.09
N LEU A 35 3.90 37.98 -6.41
CA LEU A 35 2.71 37.26 -5.97
C LEU A 35 2.07 36.48 -7.11
N GLU A 36 1.94 37.11 -8.28
CA GLU A 36 1.36 36.41 -9.43
C GLU A 36 2.25 35.28 -9.91
N GLU A 37 3.57 35.49 -9.88
CA GLU A 37 4.50 34.40 -10.18
C GLU A 37 4.36 33.25 -9.18
N LEU A 38 4.17 33.59 -7.91
CA LEU A 38 3.93 32.56 -6.89
C LEU A 38 2.65 31.79 -7.19
N VAL A 39 1.61 32.50 -7.65
CA VAL A 39 0.34 31.85 -7.92
C VAL A 39 0.46 30.90 -9.11
N ASN A 40 1.11 31.35 -10.19
CA ASN A 40 1.22 30.45 -11.33
C ASN A 40 2.18 29.29 -11.07
N ASN A 41 2.81 29.24 -9.90
CA ASN A 41 3.63 28.11 -9.47
C ASN A 41 2.97 27.28 -8.37
N THR A 42 1.74 27.60 -7.96
CA THR A 42 1.05 26.84 -6.93
C THR A 42 0.39 25.57 -7.46
N VAL A 43 0.75 25.12 -8.67
CA VAL A 43 0.14 23.96 -9.28
C VAL A 43 1.21 22.91 -9.56
N ASN A 44 0.76 21.69 -9.82
CA ASN A 44 1.69 20.58 -10.00
C ASN A 44 2.57 20.80 -11.23
N ALA A 45 1.98 21.28 -12.33
CA ALA A 45 2.75 21.56 -13.55
C ALA A 45 3.23 23.01 -13.51
N SER A 46 4.17 23.25 -12.59
CA SER A 46 4.68 24.59 -12.37
C SER A 46 5.64 24.99 -13.49
N PRO A 47 5.55 26.22 -13.98
CA PRO A 47 6.48 26.71 -15.01
C PRO A 47 7.75 27.33 -14.47
N GLY A 48 7.89 27.44 -13.15
CA GLY A 48 9.00 28.18 -12.59
C GLY A 48 8.85 29.66 -12.88
N VAL A 49 9.94 30.37 -12.67
CA VAL A 49 10.03 31.80 -12.95
C VAL A 49 11.20 32.02 -13.91
N PRO A 50 10.93 32.19 -15.20
CA PRO A 50 12.01 32.41 -16.16
C PRO A 50 12.84 33.66 -15.87
N ARG A 51 12.28 34.64 -15.15
CA ARG A 51 13.03 35.85 -14.81
C ARG A 51 14.24 35.53 -13.94
N VAL A 52 14.02 34.76 -12.87
CA VAL A 52 15.09 34.43 -11.94
C VAL A 52 15.85 33.17 -12.33
N GLY A 53 15.51 32.55 -13.46
CA GLY A 53 16.15 31.31 -13.85
C GLY A 53 15.64 30.09 -13.11
N LEU A 54 14.42 30.14 -12.59
CA LEU A 54 13.83 29.01 -11.90
C LEU A 54 13.19 28.08 -12.92
N PRO A 55 13.73 26.89 -13.16
CA PRO A 55 13.22 26.04 -14.24
C PRO A 55 11.86 25.45 -13.88
N PRO A 56 11.14 24.90 -14.85
CA PRO A 56 9.86 24.26 -14.55
C PRO A 56 10.05 23.01 -13.69
N TYR A 57 8.96 22.60 -13.07
CA TYR A 57 8.97 21.42 -12.22
C TYR A 57 7.56 20.86 -12.13
N ASN A 58 7.42 19.58 -12.46
CA ASN A 58 6.14 18.88 -12.36
C ASN A 58 6.15 18.04 -11.09
N TRP A 59 5.28 18.38 -10.14
CA TRP A 59 5.20 17.64 -8.89
C TRP A 59 4.50 16.31 -9.05
N TRP A 60 3.58 16.20 -10.02
CA TRP A 60 2.85 14.96 -10.24
C TRP A 60 3.79 13.94 -10.86
N SER A 61 4.29 13.01 -10.04
CA SER A 61 5.11 11.90 -10.51
C SER A 61 4.70 10.66 -9.74
N GLU A 62 4.72 9.51 -10.41
CA GLU A 62 4.18 8.27 -9.87
C GLU A 62 5.26 7.21 -9.79
N ALA A 63 5.29 6.49 -8.67
CA ALA A 63 6.20 5.37 -8.47
C ALA A 63 5.67 4.44 -7.39
N LEU A 64 4.44 3.94 -7.58
CA LEU A 64 3.80 3.13 -6.55
C LEU A 64 4.61 1.88 -6.23
N HIS A 65 4.76 0.99 -7.21
CA HIS A 65 5.55 -0.23 -7.02
C HIS A 65 6.71 -0.23 -8.01
N GLY A 66 7.45 0.87 -8.07
CA GLY A 66 8.48 1.05 -9.07
C GLY A 66 8.21 2.27 -9.92
N VAL A 67 9.24 2.84 -10.53
CA VAL A 67 9.13 4.04 -11.34
C VAL A 67 8.07 3.84 -12.42
N ALA A 68 6.97 4.58 -12.32
CA ALA A 68 5.79 4.38 -13.15
C ALA A 68 5.61 5.52 -14.14
N ARG A 69 4.70 5.31 -15.08
CA ARG A 69 4.34 6.35 -16.03
C ARG A 69 3.52 7.43 -15.34
N SER A 70 3.84 8.69 -15.63
CA SER A 70 3.20 9.82 -14.97
C SER A 70 3.48 11.08 -15.79
N PRO A 71 2.78 12.19 -15.52
CA PRO A 71 3.14 13.44 -16.21
C PRO A 71 4.57 13.87 -15.98
N GLY A 72 5.11 13.61 -14.79
CA GLY A 72 6.48 13.97 -14.50
C GLY A 72 7.52 12.96 -14.91
N THR A 73 7.12 11.89 -15.62
CA THR A 73 8.06 10.86 -16.05
C THR A 73 7.81 10.51 -17.51
N ASN A 74 8.90 10.33 -18.25
CA ASN A 74 8.87 9.81 -19.61
C ASN A 74 9.84 8.64 -19.71
N PHE A 75 9.47 7.65 -20.51
CA PHE A 75 10.33 6.52 -20.80
C PHE A 75 10.85 6.63 -22.23
N SER A 76 12.11 6.27 -22.43
CA SER A 76 12.72 6.37 -23.74
C SER A 76 11.93 5.56 -24.77
N THR A 77 11.57 6.20 -25.87
CA THR A 77 10.72 5.57 -26.87
C THR A 77 11.40 4.35 -27.51
N VAL A 78 12.72 4.38 -27.61
CA VAL A 78 13.45 3.24 -28.19
C VAL A 78 13.46 2.11 -27.17
N PRO A 79 13.04 0.89 -27.56
CA PRO A 79 12.84 -0.17 -26.55
C PRO A 79 14.12 -0.58 -25.82
N GLY A 80 15.24 -0.66 -26.52
CA GLY A 80 16.48 -1.08 -25.88
C GLY A 80 17.35 0.03 -25.35
N SER A 81 16.97 1.28 -25.57
CA SER A 81 17.78 2.43 -25.20
C SER A 81 17.77 2.64 -23.69
N PRO A 82 18.70 3.45 -23.17
CA PRO A 82 18.67 3.77 -21.74
C PRO A 82 17.36 4.43 -21.33
N PHE A 83 16.91 4.10 -20.12
CA PHE A 83 15.68 4.66 -19.52
C PHE A 83 14.44 4.28 -20.31
N SER A 84 14.51 3.17 -21.04
CA SER A 84 13.33 2.58 -21.66
C SER A 84 12.56 1.67 -20.71
N SER A 85 13.12 1.36 -19.55
CA SER A 85 12.49 0.45 -18.60
C SER A 85 12.93 0.80 -17.19
N ALA A 86 12.29 0.14 -16.23
CA ALA A 86 12.61 0.28 -14.81
C ALA A 86 12.05 -0.92 -14.08
N THR A 87 12.64 -1.21 -12.92
CA THR A 87 12.23 -2.38 -12.14
C THR A 87 10.77 -2.27 -11.70
N SER A 88 9.88 -2.99 -12.37
CA SER A 88 8.47 -3.03 -12.02
C SER A 88 8.27 -4.09 -10.94
N PHE A 89 7.99 -3.64 -9.73
CA PHE A 89 7.78 -4.55 -8.61
C PHE A 89 6.33 -5.02 -8.58
N PRO A 90 6.04 -6.11 -7.87
CA PRO A 90 4.66 -6.57 -7.77
C PRO A 90 3.79 -5.57 -7.01
N GLN A 91 2.47 -5.73 -7.16
CA GLN A 91 1.54 -4.79 -6.57
C GLN A 91 1.67 -4.79 -5.05
N PRO A 92 1.41 -3.64 -4.41
CA PRO A 92 1.56 -3.55 -2.95
C PRO A 92 0.69 -4.53 -2.17
N ILE A 93 -0.35 -5.10 -2.79
CA ILE A 93 -1.16 -6.08 -2.07
C ILE A 93 -0.36 -7.37 -1.85
N ILE A 94 0.34 -7.83 -2.88
CA ILE A 94 1.20 -8.99 -2.70
C ILE A 94 2.38 -8.62 -1.81
N LEU A 95 2.81 -7.35 -1.85
CA LEU A 95 3.94 -6.92 -1.05
C LEU A 95 3.59 -6.93 0.43
N GLY A 96 2.35 -6.55 0.76
CA GLY A 96 1.88 -6.74 2.12
C GLY A 96 1.67 -8.18 2.47
N ALA A 97 1.29 -9.00 1.48
CA ALA A 97 1.20 -10.44 1.71
C ALA A 97 2.56 -11.05 2.04
N THR A 98 3.66 -10.40 1.63
CA THR A 98 4.98 -10.88 2.03
C THR A 98 5.17 -10.80 3.53
N PHE A 99 4.66 -9.73 4.16
CA PHE A 99 4.85 -9.46 5.59
C PHE A 99 6.32 -9.37 5.96
N ASP A 100 7.15 -8.88 5.03
CA ASP A 100 8.60 -8.77 5.21
C ASP A 100 8.96 -7.29 5.23
N ASP A 101 9.22 -6.76 6.42
CA ASP A 101 9.53 -5.33 6.54
C ASP A 101 10.89 -4.99 5.95
N ASP A 102 11.87 -5.88 6.15
CA ASP A 102 13.18 -5.68 5.51
C ASP A 102 13.07 -5.66 4.00
N LEU A 103 12.28 -6.58 3.43
CA LEU A 103 12.07 -6.59 1.99
C LEU A 103 11.39 -5.33 1.51
N ILE A 104 10.38 -4.85 2.23
CA ILE A 104 9.69 -3.64 1.83
C ILE A 104 10.64 -2.44 1.86
N HIS A 105 11.50 -2.37 2.88
CA HIS A 105 12.47 -1.29 2.94
C HIS A 105 13.46 -1.36 1.80
N SER A 106 13.94 -2.57 1.48
CA SER A 106 14.89 -2.71 0.37
C SER A 106 14.25 -2.36 -0.97
N ILE A 107 12.98 -2.73 -1.14
CA ILE A 107 12.25 -2.37 -2.36
C ILE A 107 12.10 -0.86 -2.45
N ALA A 108 11.80 -0.20 -1.33
CA ALA A 108 11.72 1.25 -1.32
C ALA A 108 13.06 1.88 -1.69
N THR A 109 14.16 1.31 -1.18
CA THR A 109 15.49 1.80 -1.53
C THR A 109 15.74 1.66 -3.03
N VAL A 110 15.34 0.53 -3.61
CA VAL A 110 15.53 0.32 -5.05
C VAL A 110 14.72 1.33 -5.84
N ILE A 111 13.46 1.55 -5.44
CA ILE A 111 12.60 2.48 -6.16
C ILE A 111 13.17 3.89 -6.08
N SER A 112 13.67 4.29 -4.91
CA SER A 112 14.24 5.64 -4.76
C SER A 112 15.52 5.78 -5.58
N THR A 113 16.36 4.75 -5.60
CA THR A 113 17.58 4.80 -6.41
C THR A 113 17.24 4.97 -7.88
N GLU A 114 16.30 4.18 -8.39
CA GLU A 114 15.94 4.30 -9.80
C GLU A 114 15.25 5.61 -10.10
N ALA A 115 14.46 6.15 -9.16
CA ALA A 115 13.84 7.45 -9.36
C ALA A 115 14.90 8.55 -9.46
N ARG A 116 15.92 8.49 -8.61
CA ARG A 116 17.02 9.44 -8.70
C ARG A 116 17.75 9.30 -10.03
N ALA A 117 17.97 8.07 -10.48
CA ALA A 117 18.65 7.85 -11.76
C ALA A 117 17.83 8.44 -12.91
N PHE A 118 16.51 8.30 -12.85
CA PHE A 118 15.67 8.87 -13.89
C PHE A 118 15.66 10.40 -13.83
N ASN A 119 15.66 10.96 -12.62
CA ASN A 119 15.67 12.42 -12.48
C ASN A 119 16.97 13.01 -13.01
N ASN A 120 18.08 12.31 -12.81
CA ASN A 120 19.37 12.81 -13.29
C ASN A 120 19.41 12.91 -14.80
N ALA A 121 18.58 12.17 -15.52
CA ALA A 121 18.49 12.25 -16.96
C ALA A 121 17.37 13.17 -17.43
N GLY A 122 16.79 13.96 -16.53
CA GLY A 122 15.67 14.79 -16.90
C GLY A 122 14.42 14.02 -17.23
N ARG A 123 14.22 12.85 -16.62
CA ARG A 123 13.12 11.97 -16.95
C ARG A 123 12.23 11.65 -15.75
N ALA A 124 12.42 12.34 -14.62
CA ALA A 124 11.56 12.14 -13.46
C ALA A 124 11.76 13.29 -12.50
N GLY A 125 10.74 13.52 -11.67
CA GLY A 125 10.82 14.51 -10.62
C GLY A 125 11.54 13.95 -9.41
N LEU A 126 11.45 14.71 -8.31
CA LEU A 126 12.04 14.29 -7.04
C LEU A 126 10.99 14.02 -5.97
N ASP A 127 9.72 14.30 -6.23
CA ASP A 127 8.61 13.94 -5.37
C ASP A 127 7.69 12.98 -6.12
N PHE A 128 7.19 11.98 -5.41
CA PHE A 128 6.40 10.93 -6.04
C PHE A 128 5.17 10.63 -5.20
N PHE A 129 4.03 10.46 -5.87
CA PHE A 129 2.76 10.18 -5.20
C PHE A 129 2.73 8.69 -4.83
N THR A 130 3.30 8.41 -3.65
CA THR A 130 3.39 7.05 -3.14
C THR A 130 3.69 7.12 -1.65
N PRO A 131 3.12 6.23 -0.83
CA PRO A 131 2.23 5.13 -1.21
C PRO A 131 0.74 5.41 -1.01
N ASN A 132 -0.07 4.48 -1.50
CA ASN A 132 -1.50 4.46 -1.24
C ASN A 132 -1.73 3.62 0.01
N ILE A 133 -2.08 4.27 1.11
CA ILE A 133 -2.24 3.56 2.39
C ILE A 133 -3.69 3.62 2.85
N ASN A 134 -4.62 3.66 1.91
CA ASN A 134 -6.04 3.56 2.24
C ASN A 134 -6.39 2.09 2.46
N PRO A 135 -6.90 1.71 3.63
CA PRO A 135 -7.19 0.29 3.87
C PRO A 135 -8.22 -0.26 2.89
N PHE A 136 -7.97 -1.48 2.44
CA PHE A 136 -8.84 -2.19 1.49
C PHE A 136 -9.98 -2.84 2.26
N LYS A 137 -10.88 -1.98 2.77
CA LYS A 137 -11.89 -2.45 3.72
C LYS A 137 -13.06 -3.13 3.01
N ASP A 138 -13.42 -2.66 1.81
CA ASP A 138 -14.50 -3.31 1.08
C ASP A 138 -13.91 -4.21 0.01
N PRO A 139 -14.31 -5.47 -0.07
CA PRO A 139 -13.62 -6.43 -0.95
C PRO A 139 -13.65 -6.07 -2.43
N ARG A 140 -14.50 -5.12 -2.84
CA ARG A 140 -14.69 -4.84 -4.25
C ARG A 140 -14.24 -3.44 -4.65
N TRP A 141 -13.21 -2.93 -3.98
CA TRP A 141 -12.60 -1.66 -4.39
C TRP A 141 -11.64 -1.88 -5.54
N GLY A 142 -11.75 -1.01 -6.55
CA GLY A 142 -10.89 -1.14 -7.72
C GLY A 142 -9.44 -0.83 -7.46
N ARG A 143 -9.15 0.06 -6.50
CA ARG A 143 -7.77 0.43 -6.23
C ARG A 143 -7.21 -0.20 -4.97
N GLY A 144 -7.94 -1.12 -4.35
CA GLY A 144 -7.41 -1.85 -3.21
C GLY A 144 -6.22 -2.73 -3.55
N GLN A 145 -5.96 -2.92 -4.84
CA GLN A 145 -4.75 -3.60 -5.28
C GLN A 145 -3.50 -2.76 -5.04
N GLU A 146 -3.65 -1.45 -4.92
CA GLU A 146 -2.53 -0.55 -4.69
C GLU A 146 -2.12 -0.47 -3.23
N THR A 147 -2.80 -1.20 -2.34
CA THR A 147 -2.62 -1.05 -0.91
C THR A 147 -2.18 -2.37 -0.29
N PRO A 148 -1.45 -2.33 0.82
CA PRO A 148 -0.92 -3.57 1.40
C PRO A 148 -2.00 -4.54 1.87
N GLY A 149 -3.16 -4.05 2.27
CA GLY A 149 -4.20 -4.94 2.75
C GLY A 149 -5.30 -4.16 3.47
N GLU A 150 -5.94 -4.82 4.42
CA GLU A 150 -7.07 -4.27 5.15
C GLU A 150 -6.77 -3.99 6.61
N ASP A 151 -5.57 -4.32 7.09
CA ASP A 151 -5.23 -4.13 8.50
C ASP A 151 -4.51 -2.81 8.68
N PRO A 152 -5.03 -1.89 9.49
CA PRO A 152 -4.33 -0.60 9.68
C PRO A 152 -2.95 -0.74 10.28
N TYR A 153 -2.73 -1.72 11.15
CA TYR A 153 -1.40 -1.91 11.74
C TYR A 153 -0.41 -2.46 10.72
N HIS A 154 -0.84 -3.42 9.92
CA HIS A 154 0.01 -3.96 8.85
C HIS A 154 0.38 -2.88 7.85
N ILE A 155 -0.62 -2.08 7.44
CA ILE A 155 -0.35 -0.95 6.55
C ILE A 155 0.56 0.06 7.21
N ALA A 156 0.45 0.23 8.53
CA ALA A 156 1.32 1.16 9.24
C ALA A 156 2.78 0.71 9.19
N GLN A 157 3.03 -0.57 9.47
CA GLN A 157 4.39 -1.08 9.39
C GLN A 157 4.93 -0.97 7.96
N TYR A 158 4.11 -1.37 6.98
CA TYR A 158 4.49 -1.26 5.58
C TYR A 158 4.88 0.16 5.23
N VAL A 159 4.06 1.14 5.61
CA VAL A 159 4.31 2.51 5.19
C VAL A 159 5.51 3.08 5.93
N TYR A 160 5.72 2.70 7.18
CA TYR A 160 6.94 3.15 7.87
C TYR A 160 8.17 2.68 7.09
N GLN A 161 8.23 1.38 6.81
CA GLN A 161 9.40 0.86 6.08
C GLN A 161 9.54 1.52 4.71
N LEU A 162 8.43 1.70 4.00
CA LEU A 162 8.51 2.22 2.63
C LEU A 162 8.92 3.68 2.63
N ILE A 163 8.39 4.49 3.56
CA ILE A 163 8.76 5.89 3.62
C ILE A 163 10.22 6.04 3.98
N THR A 164 10.69 5.26 4.97
CA THR A 164 12.11 5.36 5.35
C THR A 164 13.01 4.91 4.20
N GLY A 165 12.60 3.90 3.44
CA GLY A 165 13.42 3.45 2.33
C GLY A 165 13.43 4.43 1.17
N LEU A 166 12.27 5.02 0.86
CA LEU A 166 12.19 5.96 -0.26
C LEU A 166 12.92 7.25 0.05
N GLN A 167 12.66 7.84 1.22
CA GLN A 167 13.19 9.16 1.53
C GLN A 167 14.66 9.12 1.93
N GLY A 168 15.22 7.95 2.22
CA GLY A 168 16.63 7.87 2.50
C GLY A 168 16.94 7.97 3.98
N GLY A 169 16.07 7.39 4.80
CA GLY A 169 16.26 7.37 6.24
C GLY A 169 15.14 8.08 6.97
N LEU A 170 15.23 8.02 8.31
CA LEU A 170 14.27 8.68 9.18
C LEU A 170 14.43 10.19 9.19
N SER A 171 15.39 10.74 8.46
CA SER A 171 15.66 12.17 8.48
C SER A 171 16.41 12.53 7.20
N PRO A 172 16.31 13.78 6.77
CA PRO A 172 17.23 14.24 5.69
C PRO A 172 18.61 14.53 6.27
N ASP A 173 19.39 13.46 6.46
CA ASP A 173 20.69 13.53 7.12
C ASP A 173 21.56 14.53 6.36
N PRO A 174 21.96 14.28 5.08
CA PRO A 174 22.09 15.41 4.15
C PRO A 174 21.21 15.21 2.92
N TYR A 175 20.27 16.13 2.71
CA TYR A 175 19.29 16.06 1.62
C TYR A 175 18.30 14.91 1.77
N TYR A 176 17.12 15.07 1.20
CA TYR A 176 16.25 13.92 0.95
C TYR A 176 16.81 13.09 -0.20
N LYS A 177 16.34 11.85 -0.28
CA LYS A 177 16.58 11.02 -1.47
C LYS A 177 15.48 11.30 -2.48
N VAL A 178 14.25 10.92 -2.16
CA VAL A 178 13.06 11.39 -2.85
C VAL A 178 12.02 11.70 -1.79
N VAL A 179 11.09 12.60 -2.12
CA VAL A 179 10.02 12.96 -1.20
C VAL A 179 8.81 12.08 -1.50
N ALA A 180 8.32 11.37 -0.49
CA ALA A 180 7.16 10.52 -0.66
C ALA A 180 5.88 11.33 -0.49
N ASP A 181 4.75 10.64 -0.56
CA ASP A 181 3.45 11.31 -0.48
C ASP A 181 2.39 10.26 -0.18
N CYS A 182 2.03 10.12 1.09
CA CYS A 182 1.01 9.17 1.50
C CYS A 182 -0.36 9.61 0.95
N LYS A 183 -1.03 8.68 0.27
CA LYS A 183 -2.10 9.03 -0.66
C LYS A 183 -3.47 9.07 -0.01
N HIS A 184 -4.27 10.05 -0.42
CA HIS A 184 -5.70 10.15 -0.13
C HIS A 184 -6.01 10.12 1.36
N PHE A 185 -5.78 11.24 2.05
CA PHE A 185 -6.13 11.34 3.47
C PHE A 185 -7.62 11.63 3.60
N ALA A 186 -8.39 10.58 3.92
CA ALA A 186 -9.82 10.65 4.19
C ALA A 186 -10.36 9.25 4.42
N GLY A 187 -11.65 9.07 4.15
CA GLY A 187 -12.24 7.75 4.11
C GLY A 187 -12.44 7.32 2.67
N TYR A 188 -11.37 7.41 1.89
CA TYR A 188 -11.42 7.16 0.45
C TYR A 188 -11.10 5.70 0.17
N ASP A 189 -12.11 4.93 -0.21
CA ASP A 189 -11.94 3.56 -0.66
C ASP A 189 -13.12 3.15 -1.54
N LEU A 190 -13.46 4.02 -2.48
CA LEU A 190 -14.63 3.82 -3.32
C LEU A 190 -14.45 4.63 -4.60
N GLU A 191 -14.85 4.05 -5.72
CA GLU A 191 -14.62 4.66 -7.04
C GLU A 191 -15.95 5.07 -7.69
N ASP A 192 -16.80 4.11 -8.07
CA ASP A 192 -18.05 4.45 -8.72
C ASP A 192 -19.17 3.46 -8.39
N TRP A 193 -19.11 2.78 -7.25
CA TRP A 193 -20.06 1.73 -6.91
C TRP A 193 -21.50 2.23 -6.94
N HIS A 194 -22.29 1.73 -7.90
CA HIS A 194 -23.69 2.10 -8.05
C HIS A 194 -23.89 3.59 -8.29
N GLY A 195 -22.92 4.23 -8.95
CA GLY A 195 -23.05 5.62 -9.33
C GLY A 195 -22.52 6.63 -8.34
N ASN A 196 -21.93 6.18 -7.23
CA ASN A 196 -21.34 7.09 -6.23
C ASN A 196 -19.92 7.43 -6.69
N ASN A 197 -19.77 8.59 -7.32
CA ASN A 197 -18.46 9.02 -7.78
C ASN A 197 -17.64 9.57 -6.62
N ARG A 198 -16.38 9.14 -6.54
CA ARG A 198 -15.47 9.64 -5.51
C ARG A 198 -15.40 11.16 -5.52
N MET A 199 -15.51 11.77 -6.70
CA MET A 199 -15.39 13.22 -6.81
C MET A 199 -16.63 13.95 -6.27
N ALA A 200 -17.69 13.22 -5.94
CA ALA A 200 -18.89 13.80 -5.36
C ALA A 200 -19.41 12.96 -4.19
N PHE A 201 -18.62 12.03 -3.69
CA PHE A 201 -19.06 11.11 -2.65
C PHE A 201 -18.84 11.74 -1.28
N ASN A 202 -19.87 11.67 -0.43
CA ASN A 202 -19.82 12.15 0.93
C ASN A 202 -19.73 10.94 1.86
N ALA A 203 -18.51 10.67 2.35
CA ALA A 203 -18.29 9.57 3.27
C ALA A 203 -18.65 10.00 4.69
N VAL A 204 -19.60 9.30 5.31
CA VAL A 204 -19.99 9.55 6.69
C VAL A 204 -19.22 8.58 7.58
N ILE A 205 -18.35 9.13 8.43
CA ILE A 205 -17.45 8.33 9.26
C ILE A 205 -17.54 8.83 10.69
N SER A 206 -17.79 7.94 11.62
CA SER A 206 -17.75 8.29 13.03
C SER A 206 -16.32 8.59 13.46
N THR A 207 -16.18 9.48 14.44
CA THR A 207 -14.86 9.84 14.93
C THR A 207 -14.11 8.62 15.46
N GLN A 208 -14.84 7.70 16.10
CA GLN A 208 -14.23 6.46 16.57
C GLN A 208 -13.66 5.66 15.41
N ASP A 209 -14.48 5.38 14.41
CA ASP A 209 -13.99 4.67 13.22
C ASP A 209 -12.98 5.50 12.45
N LEU A 210 -13.06 6.83 12.54
CA LEU A 210 -12.08 7.68 11.88
C LEU A 210 -10.69 7.47 12.47
N ALA A 211 -10.58 7.52 13.79
CA ALA A 211 -9.29 7.39 14.45
C ALA A 211 -8.84 5.94 14.60
N GLU A 212 -9.76 4.98 14.51
CA GLU A 212 -9.43 3.58 14.76
C GLU A 212 -9.07 2.82 13.49
N PHE A 213 -9.44 3.34 12.32
CA PHE A 213 -9.26 2.57 11.09
C PHE A 213 -8.62 3.38 9.97
N TYR A 214 -9.21 4.55 9.64
CA TYR A 214 -8.82 5.25 8.43
C TYR A 214 -7.55 6.09 8.59
N THR A 215 -7.12 6.37 9.82
CA THR A 215 -6.00 7.28 10.03
C THR A 215 -4.73 6.66 10.63
N PRO A 216 -4.78 5.52 11.35
CA PRO A 216 -3.53 4.92 11.83
C PRO A 216 -2.42 4.82 10.79
N SER A 217 -2.78 4.52 9.54
CA SER A 217 -1.78 4.45 8.48
C SER A 217 -1.11 5.81 8.28
N PHE A 218 -1.91 6.88 8.22
CA PHE A 218 -1.34 8.20 8.01
C PHE A 218 -0.58 8.69 9.24
N GLN A 219 -1.02 8.29 10.44
CA GLN A 219 -0.28 8.63 11.64
C GLN A 219 1.10 7.97 11.62
N SER A 220 1.15 6.69 11.27
CA SER A 220 2.44 6.03 11.11
C SER A 220 3.27 6.66 10.01
N CYS A 221 2.61 7.16 8.97
CA CYS A 221 3.33 7.75 7.83
C CYS A 221 3.99 9.06 8.21
N VAL A 222 3.21 10.04 8.66
CA VAL A 222 3.75 11.38 8.79
C VAL A 222 4.34 11.66 10.17
N ARG A 223 3.90 10.94 11.21
CA ARG A 223 4.41 11.15 12.56
C ARG A 223 5.61 10.26 12.86
N ASP A 224 5.53 8.98 12.50
CA ASP A 224 6.55 8.02 12.85
C ASP A 224 7.58 7.79 11.74
N ALA A 225 7.18 7.96 10.48
CA ALA A 225 8.10 7.85 9.36
C ALA A 225 8.55 9.20 8.81
N HIS A 226 7.92 10.29 9.25
CA HIS A 226 8.31 11.66 8.89
C HIS A 226 8.30 11.84 7.37
N VAL A 227 7.11 11.69 6.77
CA VAL A 227 7.00 11.85 5.33
C VAL A 227 7.08 13.33 4.97
N GLY A 228 7.39 13.58 3.69
CA GLY A 228 7.52 14.95 3.25
C GLY A 228 6.26 15.54 2.66
N SER A 229 5.29 14.68 2.33
CA SER A 229 4.09 15.15 1.64
C SER A 229 2.91 14.24 1.94
N VAL A 230 1.72 14.82 1.84
CA VAL A 230 0.46 14.09 2.00
C VAL A 230 -0.49 14.58 0.90
N MET A 231 -1.41 13.71 0.50
CA MET A 231 -2.43 14.04 -0.50
C MET A 231 -3.81 13.90 0.10
N CYS A 232 -4.62 14.94 -0.04
CA CYS A 232 -6.03 14.89 0.34
C CYS A 232 -6.86 14.36 -0.82
N SER A 233 -7.90 13.60 -0.49
CA SER A 233 -8.59 12.78 -1.48
C SER A 233 -9.74 13.54 -2.14
N TYR A 234 -10.41 12.86 -3.08
CA TYR A 234 -11.53 13.46 -3.78
C TYR A 234 -12.77 13.56 -2.90
N ASN A 235 -13.04 12.51 -2.13
CA ASN A 235 -14.30 12.39 -1.41
C ASN A 235 -14.41 13.45 -0.32
N ALA A 236 -15.62 13.57 0.23
CA ALA A 236 -15.89 14.42 1.37
C ALA A 236 -16.10 13.57 2.61
N VAL A 237 -15.75 14.13 3.76
CA VAL A 237 -15.91 13.46 5.05
C VAL A 237 -16.89 14.28 5.88
N ASN A 238 -18.01 13.66 6.26
CA ASN A 238 -19.07 14.31 7.04
C ASN A 238 -19.53 15.60 6.37
N GLY A 239 -19.58 15.59 5.03
CA GLY A 239 -20.09 16.70 4.26
C GLY A 239 -19.04 17.69 3.77
N VAL A 240 -17.83 17.65 4.31
CA VAL A 240 -16.77 18.60 3.95
C VAL A 240 -15.75 17.87 3.08
N PRO A 241 -15.40 18.41 1.91
CA PRO A 241 -14.30 17.82 1.14
C PRO A 241 -13.00 17.86 1.93
N SER A 242 -12.15 16.85 1.69
CA SER A 242 -10.93 16.71 2.47
C SER A 242 -9.98 17.89 2.24
N CYS A 243 -9.72 18.19 0.96
CA CYS A 243 -8.81 19.28 0.63
C CYS A 243 -9.31 20.63 1.11
N ALA A 244 -10.57 20.73 1.55
CA ALA A 244 -11.14 21.96 2.07
C ALA A 244 -11.49 21.84 3.56
N SER A 245 -10.95 20.84 4.25
CA SER A 245 -11.28 20.60 5.65
C SER A 245 -10.13 21.00 6.54
N PRO A 246 -10.23 22.09 7.31
CA PRO A 246 -9.16 22.41 8.25
C PRO A 246 -9.00 21.39 9.36
N TYR A 247 -10.06 20.68 9.74
CA TYR A 247 -9.94 19.66 10.77
C TYR A 247 -9.10 18.48 10.29
N LEU A 248 -9.32 18.04 9.05
CA LEU A 248 -8.54 16.92 8.53
C LEU A 248 -7.11 17.34 8.21
N LEU A 249 -6.95 18.49 7.56
CA LEU A 249 -5.64 18.88 7.04
C LEU A 249 -4.76 19.53 8.09
N GLN A 250 -5.33 20.31 9.00
CA GLN A 250 -4.56 21.04 10.00
C GLN A 250 -4.59 20.37 11.38
N ASP A 251 -5.78 20.05 11.88
CA ASP A 251 -5.89 19.51 13.23
C ASP A 251 -5.25 18.12 13.34
N LEU A 252 -5.31 17.32 12.27
CA LEU A 252 -4.81 15.95 12.30
C LEU A 252 -3.46 15.81 11.60
N ILE A 253 -3.39 16.18 10.32
CA ILE A 253 -2.17 15.94 9.54
C ILE A 253 -1.02 16.79 10.05
N ARG A 254 -1.21 18.11 10.08
CA ARG A 254 -0.11 19.01 10.42
C ARG A 254 0.17 19.04 11.92
N ASP A 255 -0.84 18.79 12.76
CA ASP A 255 -0.71 18.99 14.20
C ASP A 255 -0.69 17.66 14.94
N HIS A 256 -1.82 16.95 15.02
CA HIS A 256 -1.87 15.71 15.80
C HIS A 256 -0.87 14.68 15.28
N PHE A 257 -0.75 14.56 13.96
CA PHE A 257 0.23 13.68 13.35
C PHE A 257 1.54 14.38 13.03
N GLY A 258 1.57 15.71 13.05
CA GLY A 258 2.83 16.43 12.98
C GLY A 258 3.49 16.49 11.61
N LEU A 259 2.72 16.67 10.54
CA LEU A 259 3.33 16.97 9.25
C LEU A 259 4.06 18.30 9.31
N GLY A 260 3.50 19.28 10.02
CA GLY A 260 4.17 20.55 10.18
C GLY A 260 4.16 21.34 8.88
N ASP A 261 5.32 21.87 8.51
CA ASP A 261 5.46 22.66 7.29
C ASP A 261 5.87 21.82 6.09
N GLY A 262 5.56 20.53 6.11
CA GLY A 262 5.55 19.78 4.87
C GLY A 262 4.38 20.21 4.01
N TRP A 263 4.42 19.82 2.74
CA TRP A 263 3.45 20.29 1.77
C TRP A 263 2.38 19.24 1.51
N ILE A 264 1.14 19.69 1.38
CA ILE A 264 0.00 18.84 1.06
C ILE A 264 -0.42 19.13 -0.36
N THR A 265 -0.39 18.12 -1.21
CA THR A 265 -0.99 18.22 -2.54
C THR A 265 -2.44 17.81 -2.48
N SER A 266 -3.25 18.44 -3.32
CA SER A 266 -4.62 17.99 -3.49
C SER A 266 -4.67 16.85 -4.50
N ASP A 267 -5.64 15.97 -4.33
CA ASP A 267 -5.90 15.02 -5.40
C ASP A 267 -6.25 15.79 -6.67
N CYS A 268 -6.02 15.14 -7.81
CA CYS A 268 -5.86 15.88 -9.04
C CYS A 268 -7.16 16.59 -9.43
N ASP A 269 -7.15 17.90 -9.21
CA ASP A 269 -8.31 18.77 -9.39
C ASP A 269 -9.47 18.33 -8.49
N ALA A 270 -9.15 17.83 -7.31
CA ALA A 270 -10.13 17.73 -6.24
C ALA A 270 -10.53 19.11 -5.74
N VAL A 271 -9.64 20.10 -5.89
CA VAL A 271 -10.02 21.48 -5.59
C VAL A 271 -11.12 21.95 -6.54
N ASP A 272 -10.97 21.63 -7.83
CA ASP A 272 -12.05 21.88 -8.78
C ASP A 272 -13.29 21.08 -8.40
N ASN A 273 -13.11 19.87 -7.85
CA ASN A 273 -14.25 19.07 -7.46
C ASN A 273 -15.00 19.67 -6.28
N VAL A 274 -14.29 20.40 -5.41
CA VAL A 274 -14.94 21.10 -4.30
C VAL A 274 -16.08 21.95 -4.82
N PHE A 275 -15.88 22.62 -5.95
CA PHE A 275 -16.96 23.37 -6.59
C PHE A 275 -17.88 22.43 -7.37
N ASP A 276 -17.32 21.76 -8.38
CA ASP A 276 -18.08 20.86 -9.24
C ASP A 276 -17.35 19.52 -9.26
N PRO A 277 -17.96 18.42 -8.79
CA PRO A 277 -19.37 18.32 -8.41
C PRO A 277 -19.68 18.27 -6.91
N HIS A 278 -18.71 18.53 -6.03
CA HIS A 278 -18.99 18.47 -4.60
C HIS A 278 -20.00 19.53 -4.17
N ASN A 279 -20.22 20.57 -4.98
CA ASN A 279 -21.24 21.58 -4.72
C ASN A 279 -20.94 22.37 -3.46
N TYR A 280 -19.75 22.21 -2.88
CA TYR A 280 -19.48 22.69 -1.53
C TYR A 280 -19.38 24.21 -1.48
N THR A 281 -18.78 24.83 -2.49
CA THR A 281 -18.69 26.27 -2.57
C THR A 281 -19.49 26.78 -3.77
N SER A 282 -19.90 28.04 -3.69
CA SER A 282 -20.72 28.63 -4.74
C SER A 282 -19.91 29.08 -5.94
N THR A 283 -18.65 29.44 -5.74
CA THR A 283 -17.79 29.88 -6.84
C THR A 283 -16.49 29.07 -6.83
N LEU A 284 -15.85 29.03 -7.99
CA LEU A 284 -14.59 28.31 -8.13
C LEU A 284 -13.48 28.98 -7.33
N VAL A 285 -13.43 30.32 -7.37
CA VAL A 285 -12.43 31.06 -6.61
C VAL A 285 -12.59 30.79 -5.12
N ASN A 286 -13.84 30.72 -4.64
CA ASN A 286 -14.06 30.39 -3.24
C ASN A 286 -13.65 28.96 -2.94
N ALA A 287 -13.84 28.04 -3.88
CA ALA A 287 -13.38 26.67 -3.69
C ALA A 287 -11.87 26.62 -3.48
N SER A 288 -11.12 27.26 -4.38
CA SER A 288 -9.67 27.28 -4.22
C SER A 288 -9.24 28.04 -2.96
N ALA A 289 -10.00 29.06 -2.56
CA ALA A 289 -9.66 29.79 -1.34
C ALA A 289 -9.83 28.93 -0.10
N VAL A 290 -10.96 28.20 -0.01
CA VAL A 290 -11.17 27.32 1.12
C VAL A 290 -10.13 26.20 1.12
N SER A 291 -9.79 25.69 -0.06
CA SER A 291 -8.76 24.66 -0.14
C SER A 291 -7.41 25.17 0.37
N LEU A 292 -7.03 26.38 -0.03
CA LEU A 292 -5.76 26.95 0.41
C LEU A 292 -5.75 27.19 1.91
N LYS A 293 -6.81 27.82 2.44
CA LYS A 293 -6.85 28.12 3.86
C LYS A 293 -6.94 26.85 4.70
N ALA A 294 -7.51 25.77 4.16
CA ALA A 294 -7.60 24.53 4.92
C ALA A 294 -6.25 23.84 5.02
N GLY A 295 -5.35 24.06 4.06
CA GLY A 295 -4.04 23.47 4.12
C GLY A 295 -3.48 22.97 2.81
N THR A 296 -4.33 22.89 1.78
CA THR A 296 -3.87 22.44 0.47
C THR A 296 -2.83 23.42 -0.10
N ASP A 297 -1.58 22.96 -0.22
CA ASP A 297 -0.49 23.83 -0.60
C ASP A 297 -0.25 23.86 -2.11
N VAL A 298 -0.53 22.77 -2.81
CA VAL A 298 -0.34 22.71 -4.25
C VAL A 298 -1.49 21.91 -4.86
N ASP A 299 -1.99 22.38 -6.00
CA ASP A 299 -3.13 21.78 -6.68
C ASP A 299 -2.65 20.92 -7.84
N CYS A 300 -3.07 19.66 -7.87
CA CYS A 300 -2.79 18.79 -9.01
C CYS A 300 -3.80 19.14 -10.10
N GLY A 301 -3.54 20.24 -10.78
CA GLY A 301 -4.44 20.72 -11.82
C GLY A 301 -4.14 22.14 -12.21
N THR A 302 -5.18 22.90 -12.53
CA THR A 302 -5.04 24.29 -12.95
C THR A 302 -5.94 25.25 -12.19
N THR A 303 -6.61 24.79 -11.12
CA THR A 303 -7.52 25.67 -10.41
C THR A 303 -6.78 26.79 -9.69
N TYR A 304 -5.66 26.48 -9.03
CA TYR A 304 -4.96 27.49 -8.24
C TYR A 304 -4.35 28.57 -9.14
N SER A 305 -3.67 28.17 -10.22
CA SER A 305 -2.88 29.10 -11.02
C SER A 305 -3.72 30.12 -11.76
N GLN A 306 -5.05 30.02 -11.74
CA GLN A 306 -5.90 30.96 -12.43
C GLN A 306 -7.00 31.52 -11.54
N THR A 307 -7.00 31.21 -10.25
CA THR A 307 -8.03 31.69 -9.34
C THR A 307 -7.50 32.32 -8.05
N LEU A 308 -6.26 32.00 -7.64
CA LEU A 308 -5.78 32.48 -6.34
C LEU A 308 -5.53 33.99 -6.36
N VAL A 309 -5.23 34.56 -7.52
CA VAL A 309 -5.09 36.01 -7.62
C VAL A 309 -6.43 36.67 -7.31
N ASP A 310 -7.51 36.17 -7.94
CA ASP A 310 -8.85 36.67 -7.63
C ASP A 310 -9.18 36.47 -6.16
N ALA A 311 -8.71 35.36 -5.57
CA ALA A 311 -8.99 35.09 -4.17
C ALA A 311 -8.29 36.10 -3.26
N VAL A 312 -7.05 36.46 -3.59
CA VAL A 312 -6.36 37.51 -2.84
C VAL A 312 -7.06 38.85 -3.02
N ASN A 313 -7.55 39.13 -4.24
CA ASN A 313 -8.22 40.41 -4.47
C ASN A 313 -9.59 40.47 -3.80
N GLN A 314 -10.32 39.35 -3.78
CA GLN A 314 -11.62 39.28 -3.10
C GLN A 314 -11.50 39.09 -1.60
N LYS A 315 -10.31 39.26 -1.04
CA LYS A 315 -10.02 39.16 0.38
C LYS A 315 -10.37 37.79 0.98
N LEU A 316 -10.58 36.78 0.13
CA LEU A 316 -10.89 35.45 0.66
C LEU A 316 -9.66 34.81 1.28
N VAL A 317 -8.49 35.04 0.67
CA VAL A 317 -7.20 34.64 1.23
C VAL A 317 -6.27 35.82 1.14
N THR A 318 -5.15 35.72 1.84
CA THR A 318 -4.12 36.76 1.83
C THR A 318 -2.94 36.33 0.98
N GLU A 319 -2.13 37.31 0.60
CA GLU A 319 -0.85 37.04 -0.06
C GLU A 319 0.02 36.12 0.78
N ASP A 320 -0.08 36.25 2.11
CA ASP A 320 0.79 35.48 3.01
C ASP A 320 0.46 33.99 2.98
N ASP A 321 -0.80 33.63 2.70
CA ASP A 321 -1.14 32.21 2.59
C ASP A 321 -0.47 31.56 1.39
N VAL A 322 -0.56 32.24 0.23
CA VAL A 322 0.14 31.78 -0.96
C VAL A 322 1.64 31.67 -0.67
N LYS A 323 2.20 32.69 -0.02
CA LYS A 323 3.62 32.65 0.29
C LYS A 323 3.97 31.51 1.24
N THR A 324 3.09 31.19 2.19
CA THR A 324 3.35 30.09 3.12
C THR A 324 3.39 28.76 2.39
N SER A 325 2.40 28.53 1.52
CA SER A 325 2.39 27.28 0.75
C SER A 325 3.62 27.18 -0.16
N MET A 326 3.99 28.28 -0.81
CA MET A 326 5.14 28.26 -1.70
C MET A 326 6.43 28.04 -0.92
N VAL A 327 6.51 28.60 0.29
CA VAL A 327 7.68 28.37 1.14
C VAL A 327 7.76 26.90 1.53
N ARG A 328 6.63 26.28 1.85
CA ARG A 328 6.64 24.84 2.15
C ARG A 328 7.18 24.04 0.97
N LEU A 329 6.64 24.28 -0.22
CA LEU A 329 7.08 23.55 -1.41
C LEU A 329 8.57 23.76 -1.67
N TYR A 330 9.00 25.02 -1.71
CA TYR A 330 10.40 25.32 -2.01
C TYR A 330 11.33 24.85 -0.90
N SER A 331 10.85 24.74 0.34
CA SER A 331 11.68 24.20 1.40
C SER A 331 11.90 22.71 1.23
N SER A 332 10.84 21.98 0.87
CA SER A 332 11.05 20.56 0.53
C SER A 332 12.00 20.42 -0.64
N LEU A 333 11.90 21.32 -1.62
CA LEU A 333 12.83 21.27 -2.75
C LEU A 333 14.26 21.55 -2.32
N VAL A 334 14.47 22.55 -1.47
CA VAL A 334 15.80 22.82 -0.92
C VAL A 334 16.33 21.58 -0.22
N ARG A 335 15.49 20.91 0.57
CA ARG A 335 15.90 19.67 1.20
C ARG A 335 16.18 18.56 0.19
N LEU A 336 15.64 18.66 -1.02
CA LEU A 336 15.92 17.67 -2.06
C LEU A 336 17.24 17.91 -2.78
N GLY A 337 18.05 18.87 -2.35
CA GLY A 337 19.26 19.19 -3.08
C GLY A 337 19.01 19.91 -4.39
N TYR A 338 17.89 20.64 -4.48
CA TYR A 338 17.54 21.32 -5.72
C TYR A 338 18.46 22.51 -5.98
N PHE A 339 18.88 23.21 -4.92
CA PHE A 339 19.67 24.43 -5.04
C PHE A 339 21.12 24.23 -4.59
N ASP A 340 21.54 23.00 -4.36
CA ASP A 340 22.93 22.73 -3.98
C ASP A 340 23.68 22.14 -5.17
N SER A 341 25.01 22.29 -5.12
CA SER A 341 25.84 21.88 -6.24
C SER A 341 25.81 20.37 -6.40
N PRO A 342 25.84 19.86 -7.65
CA PRO A 342 25.84 18.41 -7.85
C PRO A 342 27.14 17.75 -7.39
N GLU A 343 28.21 18.52 -7.18
CA GLU A 343 29.47 17.94 -6.76
C GLU A 343 29.38 17.28 -5.39
N ASN A 344 28.39 17.62 -4.59
CA ASN A 344 28.27 17.14 -3.21
C ASN A 344 27.06 16.24 -3.01
N GLN A 345 26.49 15.69 -4.08
CA GLN A 345 25.31 14.84 -3.99
C GLN A 345 25.58 13.53 -4.72
N PRO A 346 25.90 12.45 -3.99
CA PRO A 346 26.07 11.15 -4.66
C PRO A 346 24.79 10.67 -5.34
N TRP A 347 23.63 10.97 -4.75
CA TRP A 347 22.37 10.60 -5.37
C TRP A 347 22.15 11.31 -6.71
N ARG A 348 22.81 12.43 -6.93
CA ARG A 348 22.75 13.13 -8.20
C ARG A 348 23.77 12.60 -9.21
N GLN A 349 24.58 11.63 -8.82
CA GLN A 349 25.55 11.01 -9.71
C GLN A 349 25.07 9.66 -10.26
N LEU A 350 23.81 9.30 -10.00
CA LEU A 350 23.29 8.02 -10.47
C LEU A 350 22.86 8.12 -11.92
N GLY A 351 23.08 7.04 -12.67
CA GLY A 351 22.73 7.01 -14.08
C GLY A 351 21.96 5.78 -14.48
N TRP A 352 21.92 5.50 -15.79
CA TRP A 352 21.21 4.33 -16.29
C TRP A 352 21.83 3.02 -15.81
N ALA A 353 23.10 3.03 -15.45
CA ALA A 353 23.75 1.82 -14.98
C ALA A 353 23.21 1.32 -13.65
N ASP A 354 22.41 2.14 -12.95
CA ASP A 354 21.90 1.79 -11.63
C ASP A 354 20.43 1.38 -11.65
N VAL A 355 19.80 1.33 -12.81
CA VAL A 355 18.36 1.03 -12.88
C VAL A 355 18.15 -0.46 -12.77
N ASN A 356 18.22 -1.18 -13.89
CA ASN A 356 17.94 -2.62 -13.91
C ASN A 356 19.13 -3.41 -13.37
N THR A 357 19.50 -3.11 -12.13
CA THR A 357 20.57 -3.85 -11.47
C THR A 357 20.10 -5.28 -11.20
N PRO A 358 21.00 -6.26 -11.28
CA PRO A 358 20.61 -7.65 -10.95
C PRO A 358 20.06 -7.78 -9.54
N SER A 359 20.54 -6.95 -8.61
CA SER A 359 19.97 -6.94 -7.26
C SER A 359 18.50 -6.54 -7.29
N ALA A 360 18.15 -5.56 -8.13
CA ALA A 360 16.76 -5.13 -8.21
C ALA A 360 15.86 -6.20 -8.81
N GLN A 361 16.33 -6.87 -9.88
CA GLN A 361 15.55 -7.95 -10.47
C GLN A 361 15.37 -9.10 -9.49
N ALA A 362 16.45 -9.49 -8.81
CA ALA A 362 16.35 -10.56 -7.82
C ALA A 362 15.44 -10.16 -6.67
N LEU A 363 15.43 -8.88 -6.30
CA LEU A 363 14.56 -8.43 -5.21
C LEU A 363 13.10 -8.46 -5.62
N ALA A 364 12.80 -8.10 -6.88
CA ALA A 364 11.44 -8.22 -7.38
C ALA A 364 11.00 -9.68 -7.39
N LEU A 365 11.88 -10.57 -7.86
CA LEU A 365 11.57 -12.00 -7.86
C LEU A 365 11.33 -12.50 -6.44
N THR A 366 12.15 -12.05 -5.48
CA THR A 366 11.98 -12.49 -4.10
C THR A 366 10.70 -11.95 -3.50
N ALA A 367 10.34 -10.71 -3.81
CA ALA A 367 9.07 -10.16 -3.35
C ALA A 367 7.91 -10.97 -3.88
N ALA A 368 7.96 -11.36 -5.16
CA ALA A 368 6.91 -12.21 -5.71
C ALA A 368 6.89 -13.58 -5.03
N GLU A 369 8.07 -14.15 -4.76
CA GLU A 369 8.15 -15.46 -4.13
C GLU A 369 7.57 -15.43 -2.71
N GLU A 370 7.81 -14.34 -1.98
CA GLU A 370 7.31 -14.22 -0.63
C GLU A 370 5.85 -13.77 -0.57
N GLY A 371 5.33 -13.20 -1.66
CA GLY A 371 3.98 -12.64 -1.65
C GLY A 371 2.88 -13.59 -2.04
N VAL A 372 3.21 -14.64 -2.80
CA VAL A 372 2.19 -15.58 -3.25
C VAL A 372 1.71 -16.41 -2.07
N VAL A 373 0.40 -16.60 -1.97
CA VAL A 373 -0.23 -17.32 -0.87
C VAL A 373 -0.70 -18.67 -1.39
N LEU A 374 -0.37 -19.72 -0.65
CA LEU A 374 -0.89 -21.06 -0.92
C LEU A 374 -2.17 -21.25 -0.13
N LEU A 375 -3.30 -21.31 -0.84
CA LEU A 375 -4.60 -21.41 -0.17
C LEU A 375 -5.05 -22.85 0.03
N LYS A 376 -4.66 -23.77 -0.84
CA LYS A 376 -5.08 -25.16 -0.73
C LYS A 376 -4.05 -26.06 -1.38
N ASN A 377 -3.80 -27.21 -0.75
CA ASN A 377 -2.90 -28.21 -1.31
C ASN A 377 -3.16 -29.55 -0.63
N ASP A 378 -3.37 -30.59 -1.44
CA ASP A 378 -3.59 -31.94 -0.93
C ASP A 378 -2.33 -32.81 -1.03
N GLY A 379 -1.16 -32.19 -1.08
CA GLY A 379 0.08 -32.90 -1.32
C GLY A 379 0.53 -32.93 -2.76
N THR A 380 -0.33 -32.49 -3.70
CA THR A 380 0.07 -32.41 -5.10
C THR A 380 1.24 -31.47 -5.29
N LEU A 381 1.34 -30.43 -4.48
CA LEU A 381 2.49 -29.54 -4.49
C LEU A 381 3.43 -29.87 -3.32
N PRO A 382 4.76 -29.86 -3.53
CA PRO A 382 5.45 -29.51 -4.78
C PRO A 382 5.28 -30.57 -5.86
N LEU A 383 5.30 -30.15 -7.12
CA LEU A 383 5.09 -31.07 -8.23
C LEU A 383 6.11 -32.21 -8.17
N SER A 384 5.62 -33.42 -8.44
CA SER A 384 6.50 -34.59 -8.47
C SER A 384 7.62 -34.38 -9.47
N ARG A 385 8.83 -34.81 -9.09
CA ARG A 385 9.97 -34.70 -9.99
C ARG A 385 9.76 -35.43 -11.31
N ARG A 386 8.81 -36.37 -11.34
CA ARG A 386 8.52 -37.15 -12.55
C ARG A 386 7.55 -36.45 -13.49
N ILE A 387 6.95 -35.34 -13.09
CA ILE A 387 6.01 -34.63 -13.95
C ILE A 387 6.79 -33.86 -15.00
N LYS A 388 6.50 -34.12 -16.27
CA LYS A 388 7.20 -33.48 -17.38
C LYS A 388 6.28 -32.78 -18.36
N HIS A 389 5.01 -33.17 -18.48
CA HIS A 389 4.08 -32.58 -19.43
C HIS A 389 3.01 -31.82 -18.65
N ILE A 390 3.02 -30.49 -18.80
CA ILE A 390 2.08 -29.61 -18.09
C ILE A 390 1.26 -28.84 -19.11
N ALA A 391 -0.04 -28.74 -18.86
CA ALA A 391 -0.94 -27.95 -19.68
C ALA A 391 -1.26 -26.66 -18.94
N VAL A 392 -0.90 -25.52 -19.53
CA VAL A 392 -1.17 -24.22 -18.95
C VAL A 392 -2.37 -23.60 -19.68
N VAL A 393 -3.36 -23.18 -18.88
CA VAL A 393 -4.68 -22.82 -19.40
C VAL A 393 -5.21 -21.65 -18.60
N GLY A 394 -5.87 -20.71 -19.28
CA GLY A 394 -6.62 -19.68 -18.61
C GLY A 394 -6.32 -18.27 -19.10
N PRO A 395 -7.11 -17.31 -18.63
CA PRO A 395 -6.88 -15.91 -19.03
C PRO A 395 -5.61 -15.31 -18.44
N TRP A 396 -5.02 -15.95 -17.43
CA TRP A 396 -3.78 -15.48 -16.82
C TRP A 396 -2.60 -16.38 -17.16
N ALA A 397 -2.79 -17.37 -18.04
CA ALA A 397 -1.75 -18.36 -18.29
C ALA A 397 -0.50 -17.71 -18.90
N ASN A 398 -0.67 -16.90 -19.93
CA ASN A 398 0.42 -16.18 -20.58
C ASN A 398 0.38 -14.70 -20.22
N ALA A 399 0.16 -14.39 -18.95
CA ALA A 399 -0.02 -13.01 -18.52
C ALA A 399 1.31 -12.27 -18.52
N THR A 400 1.30 -11.06 -19.06
CA THR A 400 2.48 -10.21 -19.10
C THR A 400 2.15 -8.84 -18.51
N THR A 401 1.36 -8.04 -19.23
CA THR A 401 0.97 -6.74 -18.72
C THR A 401 -0.06 -6.85 -17.61
N GLN A 402 -0.91 -7.89 -17.64
CA GLN A 402 -1.82 -8.15 -16.54
C GLN A 402 -1.06 -8.33 -15.24
N MET A 403 0.17 -8.85 -15.31
CA MET A 403 1.01 -9.14 -14.16
C MET A 403 1.51 -7.90 -13.45
N GLN A 404 1.22 -6.70 -13.97
CA GLN A 404 1.76 -5.46 -13.43
C GLN A 404 0.74 -4.64 -12.66
N GLY A 405 -0.55 -4.97 -12.73
CA GLY A 405 -1.55 -4.15 -12.09
C GLY A 405 -1.64 -2.79 -12.75
N ASN A 406 -1.75 -1.75 -11.93
CA ASN A 406 -1.77 -0.37 -12.42
C ASN A 406 -0.66 0.43 -11.73
N TYR A 407 -0.52 1.69 -12.15
CA TYR A 407 0.53 2.58 -11.66
C TYR A 407 1.90 1.93 -11.78
N GLN A 408 2.15 1.34 -12.94
CA GLN A 408 3.39 0.62 -13.22
C GLN A 408 4.21 1.39 -14.24
N GLY A 409 5.48 0.98 -14.37
CA GLY A 409 6.33 1.43 -15.43
C GLY A 409 6.49 0.35 -16.50
N ILE A 410 7.31 0.68 -17.49
CA ILE A 410 7.67 -0.29 -18.52
C ILE A 410 8.75 -1.20 -17.96
N ALA A 411 8.46 -2.48 -17.83
CA ALA A 411 9.42 -3.41 -17.25
C ALA A 411 10.48 -3.80 -18.28
N PRO A 412 11.67 -4.19 -17.81
CA PRO A 412 12.66 -4.76 -18.74
C PRO A 412 12.22 -6.09 -19.32
N PHE A 413 11.38 -6.84 -18.61
CA PHE A 413 10.90 -8.12 -19.07
C PHE A 413 9.65 -8.48 -18.29
N LEU A 414 8.77 -9.25 -18.92
CA LEU A 414 7.53 -9.74 -18.30
C LEU A 414 7.50 -11.25 -18.51
N ILE A 415 7.97 -11.99 -17.52
CA ILE A 415 8.07 -13.45 -17.60
C ILE A 415 6.73 -14.04 -17.19
N SER A 416 6.01 -14.59 -18.15
CA SER A 416 4.69 -15.15 -17.92
C SER A 416 4.80 -16.51 -17.22
N PRO A 417 3.70 -17.01 -16.66
CA PRO A 417 3.71 -18.39 -16.15
C PRO A 417 4.05 -19.41 -17.23
N LEU A 418 3.55 -19.21 -18.45
CA LEU A 418 3.90 -20.10 -19.56
C LEU A 418 5.39 -20.02 -19.86
N GLN A 419 5.93 -18.80 -19.95
CA GLN A 419 7.35 -18.63 -20.24
C GLN A 419 8.20 -19.23 -19.13
N ALA A 420 7.75 -19.13 -17.88
CA ALA A 420 8.53 -19.68 -16.77
C ALA A 420 8.46 -21.20 -16.75
N LEU A 421 7.30 -21.78 -17.07
CA LEU A 421 7.21 -23.23 -17.21
C LEU A 421 8.14 -23.71 -18.32
N GLN A 422 8.20 -22.98 -19.42
CA GLN A 422 9.15 -23.32 -20.48
C GLN A 422 10.59 -23.15 -20.02
N ASP A 423 10.86 -22.18 -19.14
CA ASP A 423 12.20 -21.97 -18.65
C ASP A 423 12.67 -23.10 -17.74
N ALA A 424 11.74 -23.79 -17.10
CA ALA A 424 12.06 -24.90 -16.20
C ALA A 424 12.18 -26.22 -16.94
N GLY A 425 12.13 -26.21 -18.27
CA GLY A 425 12.27 -27.43 -19.04
C GLY A 425 11.02 -28.28 -19.13
N PHE A 426 9.84 -27.68 -18.95
CA PHE A 426 8.59 -28.43 -19.01
C PHE A 426 8.09 -28.51 -20.44
N HIS A 427 7.57 -29.68 -20.81
CA HIS A 427 6.82 -29.82 -22.06
C HIS A 427 5.43 -29.26 -21.83
N VAL A 428 5.16 -28.09 -22.40
CA VAL A 428 3.97 -27.31 -22.05
C VAL A 428 3.01 -27.31 -23.22
N SER A 429 1.73 -27.53 -22.91
CA SER A 429 0.63 -27.36 -23.86
C SER A 429 -0.21 -26.17 -23.40
N PHE A 430 -0.20 -25.10 -24.20
CA PHE A 430 -0.85 -23.86 -23.83
C PHE A 430 -2.20 -23.72 -24.52
N ALA A 431 -3.16 -23.14 -23.79
CA ALA A 431 -4.43 -22.70 -24.34
C ALA A 431 -5.15 -21.86 -23.31
N ASN A 432 -5.56 -20.65 -23.69
CA ASN A 432 -6.22 -19.76 -22.74
C ASN A 432 -7.72 -19.95 -22.66
N GLY A 433 -8.28 -20.85 -23.44
CA GLY A 433 -9.63 -21.38 -23.30
C GLY A 433 -10.82 -20.46 -23.07
N THR A 434 -10.62 -19.40 -22.28
CA THR A 434 -11.65 -18.37 -22.09
C THR A 434 -10.96 -17.08 -21.67
N ALA A 435 -11.68 -15.98 -21.83
CA ALA A 435 -11.17 -14.67 -21.43
C ALA A 435 -11.44 -14.44 -19.95
N ILE A 436 -11.04 -13.27 -19.44
CA ILE A 436 -11.26 -12.94 -18.04
C ILE A 436 -12.74 -12.91 -17.73
N ASN A 437 -13.53 -12.21 -18.57
CA ASN A 437 -14.98 -12.08 -18.43
C ASN A 437 -15.62 -12.25 -19.80
N SER A 438 -16.19 -13.43 -20.04
CA SER A 438 -16.91 -13.72 -21.27
C SER A 438 -17.77 -14.95 -21.05
N THR A 439 -18.77 -15.12 -21.92
CA THR A 439 -19.59 -16.32 -21.92
C THR A 439 -19.26 -17.23 -23.09
N ASP A 440 -18.21 -16.92 -23.85
CA ASP A 440 -17.83 -17.68 -25.03
C ASP A 440 -17.13 -18.97 -24.59
N THR A 441 -17.77 -20.11 -24.84
CA THR A 441 -17.18 -21.41 -24.55
C THR A 441 -16.33 -21.95 -25.68
N SER A 442 -16.20 -21.21 -26.79
CA SER A 442 -15.54 -21.72 -27.98
C SER A 442 -14.08 -22.06 -27.77
N GLY A 443 -13.47 -21.60 -26.69
CA GLY A 443 -12.08 -21.94 -26.42
C GLY A 443 -11.91 -23.18 -25.57
N PHE A 444 -12.98 -23.56 -24.86
CA PHE A 444 -12.93 -24.70 -23.94
C PHE A 444 -12.27 -25.91 -24.59
N ALA A 445 -12.74 -26.28 -25.79
CA ALA A 445 -12.18 -27.39 -26.55
C ALA A 445 -10.66 -27.35 -26.54
N SER A 446 -10.08 -26.24 -27.01
CA SER A 446 -8.63 -26.12 -27.03
C SER A 446 -8.03 -26.45 -25.67
N ALA A 447 -8.54 -25.81 -24.62
CA ALA A 447 -8.07 -26.11 -23.27
C ALA A 447 -8.10 -27.62 -23.01
N LEU A 448 -9.25 -28.25 -23.23
CA LEU A 448 -9.36 -29.69 -23.04
C LEU A 448 -8.33 -30.43 -23.89
N MET A 449 -8.22 -30.04 -25.17
CA MET A 449 -7.26 -30.69 -26.05
C MET A 449 -5.84 -30.57 -25.51
N ALA A 450 -5.53 -29.43 -24.88
CA ALA A 450 -4.18 -29.24 -24.36
C ALA A 450 -3.95 -30.05 -23.09
N ALA A 451 -5.01 -30.39 -22.35
CA ALA A 451 -4.88 -30.98 -21.05
C ALA A 451 -5.18 -32.47 -21.00
N LYS A 452 -5.79 -33.02 -22.05
CA LYS A 452 -6.22 -34.41 -21.99
C LYS A 452 -5.06 -35.38 -21.93
N ALA A 453 -3.89 -34.99 -22.44
CA ALA A 453 -2.73 -35.87 -22.47
C ALA A 453 -1.60 -35.38 -21.56
N ALA A 454 -1.90 -34.52 -20.59
CA ALA A 454 -0.89 -33.90 -19.76
C ALA A 454 -0.77 -34.61 -18.42
N ASP A 455 0.41 -34.46 -17.80
CA ASP A 455 0.66 -34.98 -16.47
C ASP A 455 0.15 -34.05 -15.37
N ALA A 456 -0.18 -32.81 -15.70
CA ALA A 456 -0.65 -31.85 -14.72
C ALA A 456 -1.32 -30.69 -15.46
N ILE A 457 -2.44 -30.22 -14.92
CA ILE A 457 -3.16 -29.08 -15.46
C ILE A 457 -2.92 -27.89 -14.54
N VAL A 458 -2.58 -26.75 -15.14
CA VAL A 458 -2.39 -25.51 -14.40
C VAL A 458 -3.33 -24.49 -15.02
N PHE A 459 -4.51 -24.33 -14.43
CA PHE A 459 -5.42 -23.27 -14.83
C PHE A 459 -5.04 -22.00 -14.09
N ALA A 460 -4.85 -20.91 -14.83
CA ALA A 460 -4.48 -19.61 -14.26
C ALA A 460 -5.49 -18.57 -14.72
N GLY A 461 -6.27 -18.05 -13.78
CA GLY A 461 -7.27 -17.06 -14.11
C GLY A 461 -7.62 -16.13 -12.95
N GLY A 462 -8.81 -15.55 -12.98
CA GLY A 462 -9.21 -14.63 -11.93
C GLY A 462 -9.71 -13.30 -12.45
N ILE A 463 -9.12 -12.20 -11.97
CA ILE A 463 -9.52 -10.87 -12.38
C ILE A 463 -8.28 -10.06 -12.73
N ASP A 464 -8.50 -8.95 -13.43
CA ASP A 464 -7.42 -8.05 -13.80
C ASP A 464 -7.99 -6.64 -13.93
N GLU A 465 -7.25 -5.74 -14.60
CA GLU A 465 -7.68 -4.36 -14.72
C GLU A 465 -9.00 -4.21 -15.46
N THR A 466 -9.40 -5.21 -16.24
CA THR A 466 -10.70 -5.18 -16.89
C THR A 466 -11.84 -5.25 -15.86
N ILE A 467 -11.59 -5.88 -14.73
CA ILE A 467 -12.60 -6.05 -13.68
C ILE A 467 -12.49 -4.97 -12.61
N GLU A 468 -11.29 -4.72 -12.12
CA GLU A 468 -11.05 -3.76 -11.04
C GLU A 468 -9.97 -2.78 -11.48
N SER A 469 -10.21 -1.50 -11.25
CA SER A 469 -9.26 -0.45 -11.65
C SER A 469 -9.66 0.86 -10.99
N GLU A 470 -8.84 1.87 -11.21
CA GLU A 470 -9.17 3.22 -10.77
C GLU A 470 -10.37 3.73 -11.56
N GLY A 471 -11.47 4.01 -10.85
CA GLY A 471 -12.69 4.44 -11.50
C GLY A 471 -13.63 3.33 -11.90
N HIS A 472 -13.46 2.13 -11.34
CA HIS A 472 -14.35 1.00 -11.67
C HIS A 472 -14.31 0.03 -10.48
N ASP A 473 -15.26 0.19 -9.57
CA ASP A 473 -15.44 -0.76 -8.48
C ASP A 473 -16.17 -2.00 -8.99
N ARG A 474 -15.90 -3.12 -8.32
CA ARG A 474 -16.54 -4.37 -8.70
C ARG A 474 -17.97 -4.43 -8.17
N ASP A 475 -18.86 -5.04 -8.96
CA ASP A 475 -20.21 -5.31 -8.53
C ASP A 475 -20.39 -6.71 -7.97
N SER A 476 -19.54 -7.65 -8.37
CA SER A 476 -19.57 -9.02 -7.86
C SER A 476 -18.16 -9.44 -7.49
N ILE A 477 -18.04 -10.23 -6.42
CA ILE A 477 -16.74 -10.70 -5.96
C ILE A 477 -16.60 -12.18 -6.30
N GLU A 478 -17.17 -12.59 -7.42
CA GLU A 478 -17.10 -13.97 -7.89
C GLU A 478 -16.10 -14.09 -9.04
N TRP A 479 -15.83 -15.34 -9.42
CA TRP A 479 -15.05 -15.61 -10.62
C TRP A 479 -15.80 -15.05 -11.82
N PRO A 480 -15.26 -14.05 -12.50
CA PRO A 480 -16.00 -13.44 -13.61
C PRO A 480 -16.12 -14.39 -14.80
N GLY A 481 -17.22 -14.22 -15.53
CA GLY A 481 -17.42 -14.98 -16.74
C GLY A 481 -17.67 -16.46 -16.48
N ASN A 482 -17.17 -17.28 -17.39
CA ASN A 482 -17.37 -18.73 -17.36
C ASN A 482 -16.09 -19.47 -16.96
N GLN A 483 -15.24 -18.84 -16.14
CA GLN A 483 -13.99 -19.46 -15.76
C GLN A 483 -14.22 -20.69 -14.88
N LEU A 484 -15.15 -20.61 -13.93
CA LEU A 484 -15.42 -21.74 -13.06
C LEU A 484 -15.92 -22.94 -13.85
N ASP A 485 -16.67 -22.69 -14.94
CA ASP A 485 -17.11 -23.79 -15.78
C ASP A 485 -15.93 -24.50 -16.46
N LEU A 486 -14.95 -23.73 -16.93
CA LEU A 486 -13.78 -24.35 -17.55
C LEU A 486 -12.94 -25.10 -16.51
N ILE A 487 -12.81 -24.54 -15.31
CA ILE A 487 -12.11 -25.24 -14.23
C ILE A 487 -12.83 -26.55 -13.91
N GLU A 488 -14.16 -26.52 -13.88
CA GLU A 488 -14.94 -27.71 -13.59
C GLU A 488 -14.77 -28.77 -14.67
N GLN A 489 -14.74 -28.35 -15.94
CA GLN A 489 -14.51 -29.30 -17.03
C GLN A 489 -13.11 -29.89 -16.96
N LEU A 490 -12.11 -29.08 -16.64
CA LEU A 490 -10.76 -29.59 -16.46
C LEU A 490 -10.70 -30.60 -15.32
N ALA A 491 -11.47 -30.34 -14.26
CA ALA A 491 -11.50 -31.26 -13.12
C ALA A 491 -12.21 -32.57 -13.46
N ALA A 492 -12.97 -32.61 -14.56
CA ALA A 492 -13.58 -33.86 -14.99
C ALA A 492 -12.54 -34.85 -15.50
N LEU A 493 -11.38 -34.36 -15.94
CA LEU A 493 -10.28 -35.25 -16.33
C LEU A 493 -9.62 -35.88 -15.12
N ARG A 494 -9.79 -35.29 -13.93
CA ARG A 494 -9.26 -35.82 -12.68
C ARG A 494 -7.76 -36.09 -12.77
N LYS A 495 -7.05 -35.16 -13.42
CA LYS A 495 -5.61 -35.09 -13.36
C LYS A 495 -5.19 -34.19 -12.20
N PRO A 496 -3.89 -34.14 -11.88
CA PRO A 496 -3.41 -33.08 -10.99
C PRO A 496 -3.79 -31.70 -11.50
N LEU A 497 -4.73 -31.04 -10.82
CA LEU A 497 -5.26 -29.74 -11.23
C LEU A 497 -4.85 -28.68 -10.22
N ILE A 498 -4.24 -27.61 -10.71
CA ILE A 498 -3.76 -26.50 -9.89
C ILE A 498 -4.37 -25.22 -10.44
N VAL A 499 -5.12 -24.52 -9.59
CA VAL A 499 -5.80 -23.28 -9.97
C VAL A 499 -5.07 -22.11 -9.35
N LEU A 500 -4.75 -21.11 -10.19
CA LEU A 500 -4.07 -19.89 -9.77
C LEU A 500 -5.08 -18.74 -9.88
N GLN A 501 -5.47 -18.22 -8.72
CA GLN A 501 -6.40 -17.09 -8.65
C GLN A 501 -5.59 -15.81 -8.55
N MET A 502 -5.72 -14.95 -9.55
CA MET A 502 -4.93 -13.74 -9.65
C MET A 502 -5.80 -12.51 -9.44
N GLY A 503 -5.17 -11.34 -9.48
CA GLY A 503 -5.86 -10.09 -9.29
C GLY A 503 -5.78 -9.59 -7.86
N GLY A 504 -6.04 -8.30 -7.68
CA GLY A 504 -5.94 -7.67 -6.39
C GLY A 504 -6.97 -8.19 -5.40
N GLY A 505 -8.24 -7.85 -5.63
CA GLY A 505 -9.29 -8.35 -4.78
C GLY A 505 -9.51 -9.84 -4.95
N GLN A 506 -10.08 -10.44 -3.91
CA GLN A 506 -10.32 -11.88 -3.91
C GLN A 506 -11.61 -12.21 -4.66
N VAL A 507 -11.67 -13.43 -5.17
CA VAL A 507 -12.88 -13.99 -5.77
C VAL A 507 -13.27 -15.23 -4.98
N ASP A 508 -14.55 -15.56 -5.00
CA ASP A 508 -15.07 -16.67 -4.22
C ASP A 508 -14.57 -17.99 -4.79
N SER A 509 -13.63 -18.62 -4.09
CA SER A 509 -13.09 -19.91 -4.50
C SER A 509 -13.66 -21.07 -3.68
N SER A 510 -14.80 -20.87 -3.03
CA SER A 510 -15.36 -21.91 -2.17
C SER A 510 -15.71 -23.16 -2.97
N SER A 511 -16.19 -22.98 -4.21
CA SER A 511 -16.43 -24.14 -5.07
C SER A 511 -15.14 -24.90 -5.34
N LEU A 512 -14.04 -24.17 -5.55
CA LEU A 512 -12.74 -24.82 -5.73
C LEU A 512 -12.26 -25.43 -4.43
N LYS A 513 -12.53 -24.76 -3.31
CA LYS A 513 -12.10 -25.26 -2.00
C LYS A 513 -12.81 -26.56 -1.63
N ALA A 514 -14.06 -26.73 -2.05
CA ALA A 514 -14.86 -27.89 -1.67
C ALA A 514 -14.70 -29.07 -2.60
N SER A 515 -14.19 -28.87 -3.81
CA SER A 515 -14.08 -29.93 -4.80
C SER A 515 -12.79 -30.71 -4.60
N LYS A 516 -12.91 -32.00 -4.32
CA LYS A 516 -11.74 -32.86 -4.18
C LYS A 516 -10.94 -32.96 -5.48
N ALA A 517 -11.58 -32.71 -6.63
CA ALA A 517 -10.87 -32.76 -7.90
C ALA A 517 -9.92 -31.58 -8.08
N VAL A 518 -10.09 -30.52 -7.32
CA VAL A 518 -9.17 -29.39 -7.34
C VAL A 518 -8.12 -29.64 -6.27
N ASN A 519 -6.89 -29.92 -6.69
CA ASN A 519 -5.85 -30.40 -5.80
C ASN A 519 -5.10 -29.26 -5.10
N ALA A 520 -4.84 -28.16 -5.80
CA ALA A 520 -4.09 -27.05 -5.24
C ALA A 520 -4.66 -25.73 -5.74
N LEU A 521 -4.62 -24.73 -4.87
CA LEU A 521 -5.13 -23.39 -5.16
C LEU A 521 -4.20 -22.36 -4.55
N LEU A 522 -3.77 -21.41 -5.38
CA LEU A 522 -2.88 -20.33 -4.97
C LEU A 522 -3.47 -18.99 -5.37
N TRP A 523 -3.10 -17.94 -4.64
CA TRP A 523 -3.43 -16.57 -4.99
C TRP A 523 -2.16 -15.86 -5.42
N GLY A 524 -2.19 -15.28 -6.62
CA GLY A 524 -1.00 -14.67 -7.19
C GLY A 524 -1.06 -13.17 -7.32
N GLY A 525 -2.26 -12.59 -7.20
CA GLY A 525 -2.44 -11.16 -7.28
C GLY A 525 -1.85 -10.54 -8.53
N TYR A 526 -0.90 -9.63 -8.35
CA TYR A 526 -0.11 -9.06 -9.45
C TYR A 526 1.34 -9.23 -9.07
N PRO A 527 1.97 -10.33 -9.48
CA PRO A 527 3.32 -10.64 -8.98
C PRO A 527 4.45 -9.96 -9.73
N GLY A 528 4.16 -8.90 -10.47
CA GLY A 528 5.24 -8.11 -11.03
C GLY A 528 5.91 -8.72 -12.25
N GLN A 529 7.13 -8.22 -12.51
CA GLN A 529 7.85 -8.59 -13.72
C GLN A 529 8.31 -10.05 -13.69
N SER A 530 8.75 -10.53 -12.53
CA SER A 530 9.23 -11.90 -12.38
C SER A 530 8.18 -12.81 -11.74
N GLY A 531 6.91 -12.55 -12.02
CA GLY A 531 5.84 -13.27 -11.33
C GLY A 531 5.76 -14.73 -11.73
N GLY A 532 5.83 -15.00 -13.04
CA GLY A 532 5.74 -16.38 -13.49
C GLY A 532 6.85 -17.25 -12.95
N THR A 533 8.08 -16.72 -12.97
CA THR A 533 9.21 -17.48 -12.43
C THR A 533 9.02 -17.79 -10.95
N ALA A 534 8.47 -16.83 -10.20
CA ALA A 534 8.22 -17.08 -8.78
C ALA A 534 7.13 -18.14 -8.59
N ILE A 535 6.06 -18.06 -9.36
CA ILE A 535 4.99 -19.05 -9.24
C ILE A 535 5.51 -20.44 -9.57
N VAL A 536 6.35 -20.56 -10.61
CA VAL A 536 6.87 -21.87 -10.98
C VAL A 536 7.92 -22.35 -9.99
N ASN A 537 8.70 -21.45 -9.40
CA ASN A 537 9.60 -21.84 -8.33
C ASN A 537 8.84 -22.38 -7.13
N ILE A 538 7.67 -21.80 -6.84
CA ILE A 538 6.84 -22.33 -5.76
C ILE A 538 6.26 -23.68 -6.15
N LEU A 539 5.79 -23.82 -7.40
CA LEU A 539 5.15 -25.06 -7.82
C LEU A 539 6.14 -26.22 -7.81
N THR A 540 7.33 -26.02 -8.38
CA THR A 540 8.31 -27.09 -8.47
C THR A 540 8.91 -27.46 -7.11
N GLY A 541 8.89 -26.54 -6.16
CA GLY A 541 9.54 -26.75 -4.88
C GLY A 541 10.86 -26.01 -4.73
N LYS A 542 11.27 -25.23 -5.74
CA LYS A 542 12.49 -24.45 -5.63
C LYS A 542 12.39 -23.39 -4.54
N THR A 543 11.19 -22.83 -4.35
CA THR A 543 10.93 -21.85 -3.31
C THR A 543 9.73 -22.33 -2.49
N ALA A 544 9.85 -22.23 -1.17
CA ALA A 544 8.68 -22.69 -0.44
C ALA A 544 7.68 -21.54 -0.26
N PRO A 545 6.39 -21.82 -0.39
CA PRO A 545 5.38 -20.78 -0.13
C PRO A 545 5.42 -20.37 1.33
N SER A 546 5.26 -19.07 1.56
CA SER A 546 5.35 -18.52 2.91
C SER A 546 4.49 -17.27 3.07
N GLY A 547 3.99 -16.75 1.95
CA GLY A 547 3.10 -15.61 2.00
C GLY A 547 1.76 -15.95 2.64
N ARG A 548 1.07 -14.92 3.08
CA ARG A 548 -0.21 -15.09 3.75
C ARG A 548 -1.18 -14.00 3.29
N LEU A 549 -2.46 -14.34 3.35
CA LEU A 549 -3.52 -13.51 2.78
C LEU A 549 -3.61 -12.17 3.49
N PRO A 550 -3.34 -11.05 2.81
CA PRO A 550 -3.44 -9.73 3.46
C PRO A 550 -4.85 -9.19 3.54
N ILE A 551 -5.81 -9.83 2.87
CA ILE A 551 -7.20 -9.40 2.87
C ILE A 551 -8.10 -10.62 3.04
N THR A 552 -9.36 -10.35 3.39
CA THR A 552 -10.35 -11.41 3.59
C THR A 552 -10.99 -11.76 2.25
N GLN A 553 -11.07 -13.06 1.96
CA GLN A 553 -11.84 -13.54 0.81
C GLN A 553 -13.27 -13.75 1.25
N TYR A 554 -14.11 -12.75 1.02
CA TYR A 554 -15.51 -12.83 1.42
C TYR A 554 -16.27 -13.79 0.51
N PRO A 555 -17.30 -14.46 1.02
CA PRO A 555 -18.24 -15.15 0.13
C PRO A 555 -18.99 -14.14 -0.72
N ALA A 556 -19.58 -14.64 -1.80
CA ALA A 556 -20.19 -13.76 -2.80
C ALA A 556 -21.32 -12.94 -2.19
N ALA A 557 -22.20 -13.58 -1.43
CA ALA A 557 -23.40 -12.97 -0.90
C ALA A 557 -23.11 -11.72 -0.07
N TYR A 558 -21.85 -11.54 0.33
CA TYR A 558 -21.45 -10.35 1.06
C TYR A 558 -21.80 -9.08 0.30
N VAL A 559 -21.71 -9.11 -1.04
CA VAL A 559 -22.03 -7.92 -1.82
C VAL A 559 -23.48 -7.49 -1.64
N ASP A 560 -24.35 -8.40 -1.20
CA ASP A 560 -25.74 -8.09 -0.94
C ASP A 560 -26.02 -7.71 0.50
N ALA A 561 -25.04 -7.92 1.40
CA ALA A 561 -25.27 -7.71 2.83
C ALA A 561 -24.89 -6.31 3.30
N ILE A 562 -24.10 -5.58 2.54
CA ILE A 562 -23.62 -4.27 2.95
C ILE A 562 -23.37 -3.42 1.71
N PRO A 563 -23.73 -2.14 1.71
CA PRO A 563 -23.35 -1.28 0.59
C PRO A 563 -21.93 -0.76 0.74
N MET A 564 -21.31 -0.50 -0.41
CA MET A 564 -19.96 0.06 -0.40
C MET A 564 -19.93 1.47 0.15
N THR A 565 -21.09 2.12 0.25
CA THR A 565 -21.18 3.46 0.83
C THR A 565 -21.19 3.45 2.35
N ASP A 566 -21.54 2.33 2.97
CA ASP A 566 -21.54 2.22 4.42
C ASP A 566 -20.09 2.21 4.92
N MET A 567 -19.66 3.32 5.53
CA MET A 567 -18.29 3.47 5.96
C MET A 567 -18.04 2.92 7.36
N ALA A 568 -19.08 2.45 8.05
CA ALA A 568 -18.92 1.91 9.39
C ALA A 568 -18.49 0.45 9.33
N LEU A 569 -17.55 0.08 10.20
CA LEU A 569 -16.99 -1.26 10.18
C LEU A 569 -17.70 -2.23 11.10
N ARG A 570 -18.29 -1.74 12.18
CA ARG A 570 -18.92 -2.63 13.15
C ARG A 570 -20.20 -3.23 12.59
N PRO A 571 -20.59 -4.42 13.07
CA PRO A 571 -21.86 -5.01 12.64
C PRO A 571 -23.05 -4.29 13.24
N SER A 572 -24.27 -4.66 12.83
CA SER A 572 -25.48 -4.06 13.35
C SER A 572 -26.72 -4.76 12.83
N SER A 573 -27.81 -4.01 12.69
CA SER A 573 -29.02 -4.54 12.09
C SER A 573 -29.01 -4.47 10.57
N SER A 574 -28.01 -3.81 9.98
CA SER A 574 -27.88 -3.73 8.53
C SER A 574 -26.44 -3.93 8.08
N SER A 575 -25.58 -4.44 8.95
CA SER A 575 -24.17 -4.62 8.62
C SER A 575 -23.66 -5.96 9.15
N PRO A 576 -23.13 -6.82 8.29
CA PRO A 576 -22.42 -8.02 8.79
C PRO A 576 -21.05 -7.72 9.36
N GLY A 577 -20.61 -6.46 9.34
CA GLY A 577 -19.28 -6.08 9.75
C GLY A 577 -18.36 -5.86 8.56
N ARG A 578 -17.18 -5.32 8.86
CA ARG A 578 -16.16 -5.09 7.86
C ARG A 578 -14.82 -5.59 8.35
N THR A 579 -14.00 -6.07 7.40
CA THR A 579 -12.68 -6.62 7.67
C THR A 579 -12.72 -7.82 8.60
N TYR A 580 -11.57 -8.42 8.87
CA TYR A 580 -11.52 -9.63 9.68
C TYR A 580 -11.93 -9.38 11.12
N LYS A 581 -11.71 -8.16 11.62
CA LYS A 581 -11.93 -7.89 13.04
C LYS A 581 -13.38 -7.60 13.38
N TRP A 582 -14.25 -7.34 12.40
CA TRP A 582 -15.66 -7.10 12.68
C TRP A 582 -16.62 -7.98 11.91
N TYR A 583 -16.18 -8.69 10.88
CA TYR A 583 -17.09 -9.45 10.03
C TYR A 583 -17.71 -10.60 10.83
N THR A 584 -19.02 -10.78 10.70
CA THR A 584 -19.75 -11.78 11.45
C THR A 584 -20.02 -13.06 10.67
N GLY A 585 -19.71 -13.09 9.37
CA GLY A 585 -19.95 -14.26 8.56
C GLY A 585 -18.77 -15.21 8.55
N THR A 586 -18.83 -16.17 7.64
CA THR A 586 -17.80 -17.19 7.51
C THR A 586 -17.03 -16.98 6.22
N PRO A 587 -15.87 -16.32 6.25
CA PRO A 587 -15.13 -16.08 5.01
C PRO A 587 -14.60 -17.38 4.41
N VAL A 588 -14.47 -17.36 3.08
CA VAL A 588 -13.94 -18.54 2.38
C VAL A 588 -12.50 -18.80 2.81
N PHE A 589 -11.68 -17.74 2.88
CA PHE A 589 -10.33 -17.83 3.38
C PHE A 589 -10.06 -16.61 4.24
N ASP A 590 -9.52 -16.84 5.44
CA ASP A 590 -9.40 -15.77 6.43
C ASP A 590 -8.21 -14.88 6.13
N PHE A 591 -8.23 -13.71 6.76
CA PHE A 591 -7.07 -12.81 6.73
C PHE A 591 -5.89 -13.49 7.42
N GLY A 592 -4.71 -13.37 6.81
CA GLY A 592 -3.51 -13.97 7.34
C GLY A 592 -3.39 -15.46 7.12
N PHE A 593 -4.30 -16.06 6.36
CA PHE A 593 -4.26 -17.49 6.09
C PHE A 593 -3.21 -17.81 5.05
N GLY A 594 -2.48 -18.90 5.28
CA GLY A 594 -1.46 -19.33 4.35
C GLY A 594 -0.97 -20.74 4.64
N LEU A 595 -0.46 -21.41 3.61
CA LEU A 595 0.00 -22.78 3.72
C LEU A 595 1.48 -22.86 3.35
N HIS A 596 2.13 -23.89 3.87
CA HIS A 596 3.55 -24.13 3.65
C HIS A 596 3.75 -25.56 3.17
N TYR A 597 4.94 -25.83 2.63
CA TYR A 597 5.32 -27.18 2.24
C TYR A 597 5.85 -28.00 3.41
N THR A 598 5.85 -27.44 4.61
CA THR A 598 6.37 -28.11 5.80
C THR A 598 5.45 -27.84 6.98
N SER A 599 5.58 -28.67 8.01
CA SER A 599 4.80 -28.53 9.22
C SER A 599 5.63 -27.87 10.32
N PHE A 600 4.97 -27.08 11.14
CA PHE A 600 5.63 -26.34 12.21
C PHE A 600 5.07 -26.73 13.56
N LYS A 601 5.93 -26.68 14.57
CA LYS A 601 5.56 -26.85 15.97
C LYS A 601 5.91 -25.56 16.70
N LEU A 602 4.89 -24.90 17.25
CA LEU A 602 5.08 -23.61 17.90
C LEU A 602 4.99 -23.79 19.41
N SER A 603 5.94 -23.20 20.13
CA SER A 603 5.96 -23.27 21.59
C SER A 603 6.50 -21.95 22.12
N TRP A 604 6.68 -21.88 23.43
CA TRP A 604 7.26 -20.72 24.07
C TRP A 604 8.77 -20.89 24.20
N ALA A 605 9.52 -19.91 23.72
CA ALA A 605 10.95 -19.84 23.98
C ALA A 605 11.28 -19.10 25.27
N ALA A 606 10.28 -18.49 25.90
CA ALA A 606 10.44 -17.79 27.17
C ALA A 606 9.07 -17.62 27.79
N SER A 607 8.93 -18.00 29.05
CA SER A 607 7.64 -17.96 29.72
C SER A 607 7.07 -16.54 29.67
N PRO A 608 5.88 -16.35 29.12
CA PRO A 608 5.37 -15.00 28.90
C PRO A 608 4.86 -14.37 30.17
N PRO A 609 4.90 -13.05 30.28
CA PRO A 609 4.29 -12.37 31.43
C PRO A 609 2.77 -12.50 31.39
N SER A 610 2.17 -12.31 32.56
CA SER A 610 0.73 -12.49 32.70
C SER A 610 0.03 -11.37 33.45
N ARG A 611 0.77 -10.36 33.93
CA ARG A 611 0.16 -9.29 34.70
C ARG A 611 0.89 -7.99 34.42
N PHE A 612 0.12 -6.92 34.24
CA PHE A 612 0.66 -5.59 34.02
C PHE A 612 -0.25 -4.54 34.66
N ASP A 613 0.36 -3.59 35.35
CA ASP A 613 -0.37 -2.43 35.85
C ASP A 613 -0.27 -1.31 34.81
N ILE A 614 -1.43 -0.72 34.47
CA ILE A 614 -1.47 0.27 33.40
C ILE A 614 -0.64 1.49 33.76
N SER A 615 -0.72 1.94 35.02
CA SER A 615 0.06 3.10 35.44
C SER A 615 1.56 2.83 35.34
N SER A 616 1.98 1.62 35.69
CA SER A 616 3.40 1.27 35.58
C SER A 616 3.84 1.26 34.12
N LEU A 617 2.99 0.74 33.23
CA LEU A 617 3.32 0.76 31.80
C LEU A 617 3.46 2.18 31.29
N VAL A 618 2.52 3.05 31.64
CA VAL A 618 2.58 4.43 31.18
C VAL A 618 3.81 5.14 31.75
N ALA A 619 4.16 4.84 33.00
CA ALA A 619 5.34 5.46 33.61
C ALA A 619 6.61 5.01 32.91
N GLY A 620 6.75 3.70 32.67
CA GLY A 620 7.90 3.20 31.94
C GLY A 620 7.95 3.63 30.49
N ALA A 621 6.80 4.03 29.93
CA ALA A 621 6.77 4.51 28.55
C ALA A 621 7.69 5.70 28.33
N LYS A 622 7.84 6.57 29.34
CA LYS A 622 8.69 7.74 29.20
C LYS A 622 10.17 7.37 29.16
N HIS A 623 10.53 6.13 29.46
CA HIS A 623 11.94 5.72 29.51
C HIS A 623 12.35 4.85 28.34
N ALA A 624 11.40 4.31 27.58
CA ALA A 624 11.75 3.58 26.37
C ALA A 624 12.15 4.55 25.27
N GLY A 625 13.04 4.11 24.39
CA GLY A 625 13.58 4.96 23.35
C GLY A 625 12.58 5.39 22.30
N VAL A 626 11.41 5.84 22.72
CA VAL A 626 10.35 6.27 21.81
C VAL A 626 9.96 7.70 22.16
N ALA A 627 9.44 8.41 21.16
CA ALA A 627 9.05 9.80 21.34
C ALA A 627 7.57 9.97 21.67
N PHE A 628 6.77 8.91 21.55
CA PHE A 628 5.35 9.00 21.86
C PHE A 628 4.94 7.75 22.65
N THR A 629 4.01 7.94 23.59
CA THR A 629 3.67 6.88 24.54
C THR A 629 3.14 5.64 23.82
N ASP A 630 2.33 5.84 22.78
CA ASP A 630 1.72 4.71 22.08
C ASP A 630 2.75 3.85 21.35
N LEU A 631 3.96 4.37 21.13
CA LEU A 631 5.03 3.56 20.54
C LEU A 631 5.81 2.77 21.57
N ALA A 632 5.68 3.11 22.86
CA ALA A 632 6.37 2.37 23.90
C ALA A 632 5.87 0.93 23.94
N PRO A 633 6.70 0.00 24.42
CA PRO A 633 6.30 -1.41 24.42
C PRO A 633 5.37 -1.75 25.56
N LEU A 634 4.57 -2.78 25.34
CA LEU A 634 3.84 -3.47 26.39
C LEU A 634 4.55 -4.74 26.82
N PHE A 635 5.10 -5.49 25.86
CA PHE A 635 5.92 -6.68 26.08
C PHE A 635 6.40 -7.24 24.74
N THR A 636 7.24 -8.27 24.78
CA THR A 636 7.78 -8.88 23.55
C THR A 636 7.74 -10.39 23.69
N PHE A 637 7.01 -11.05 22.80
CA PHE A 637 6.93 -12.50 22.81
C PHE A 637 8.12 -13.13 22.12
N HIS A 638 8.49 -14.31 22.59
CA HIS A 638 9.55 -15.12 22.00
C HIS A 638 8.97 -16.49 21.68
N VAL A 639 8.43 -16.63 20.48
CA VAL A 639 7.86 -17.90 20.04
C VAL A 639 8.99 -18.76 19.48
N ALA A 640 9.01 -20.03 19.87
CA ALA A 640 9.90 -21.01 19.27
C ALA A 640 9.15 -21.71 18.15
N VAL A 641 9.63 -21.53 16.92
CA VAL A 641 9.01 -22.08 15.72
C VAL A 641 9.92 -23.18 15.19
N LYS A 642 9.53 -24.43 15.38
CA LYS A 642 10.31 -25.58 14.94
C LYS A 642 9.76 -26.10 13.62
N ASN A 643 10.67 -26.43 12.70
CA ASN A 643 10.32 -27.03 11.42
C ASN A 643 10.30 -28.54 11.60
N SER A 644 9.11 -29.08 11.89
CA SER A 644 8.95 -30.52 12.12
C SER A 644 8.69 -31.28 10.82
N GLY A 645 8.81 -30.64 9.68
CA GLY A 645 8.64 -31.27 8.38
C GLY A 645 9.96 -31.64 7.75
N LYS A 646 9.96 -31.71 6.41
CA LYS A 646 11.15 -32.13 5.67
C LYS A 646 11.60 -31.11 4.63
N VAL A 647 11.00 -29.92 4.59
CA VAL A 647 11.32 -28.90 3.61
C VAL A 647 11.63 -27.60 4.33
N THR A 648 12.72 -26.94 3.93
CA THR A 648 13.04 -25.62 4.47
C THR A 648 12.01 -24.61 4.01
N SER A 649 11.64 -23.69 4.91
CA SER A 649 10.63 -22.71 4.60
C SER A 649 10.76 -21.51 5.53
N ASP A 650 10.23 -20.38 5.08
CA ASP A 650 10.01 -19.23 5.94
C ASP A 650 8.66 -19.36 6.61
N TYR A 651 8.52 -18.75 7.78
CA TYR A 651 7.25 -18.73 8.49
C TYR A 651 6.92 -17.31 8.92
N VAL A 652 5.67 -16.92 8.70
CA VAL A 652 5.17 -15.61 9.09
C VAL A 652 4.41 -15.79 10.40
N ALA A 653 5.00 -15.31 11.49
CA ALA A 653 4.31 -15.32 12.78
C ALA A 653 3.40 -14.10 12.85
N LEU A 654 2.10 -14.34 13.02
CA LEU A 654 1.06 -13.31 13.01
C LEU A 654 0.41 -13.25 14.39
N LEU A 655 0.99 -12.46 15.28
CA LEU A 655 0.49 -12.33 16.64
C LEU A 655 -0.82 -11.54 16.64
N PHE A 656 -1.92 -12.24 16.88
CA PHE A 656 -3.26 -11.67 17.03
C PHE A 656 -3.60 -11.51 18.50
N ALA A 657 -4.45 -10.52 18.80
CA ALA A 657 -4.91 -10.27 20.14
C ALA A 657 -6.42 -10.08 20.16
N HIS A 658 -7.04 -10.44 21.28
CA HIS A 658 -8.47 -10.27 21.50
C HIS A 658 -8.72 -9.88 22.94
N THR A 659 -9.57 -8.88 23.14
CA THR A 659 -9.98 -8.48 24.47
C THR A 659 -11.49 -8.33 24.50
N THR A 660 -12.04 -8.50 25.71
CA THR A 660 -13.45 -8.24 25.97
C THR A 660 -13.64 -7.04 26.88
N VAL A 661 -12.60 -6.25 27.10
CA VAL A 661 -12.64 -5.14 28.03
C VAL A 661 -12.58 -3.83 27.25
N GLY A 662 -12.56 -2.71 27.96
CA GLY A 662 -12.60 -1.41 27.34
C GLY A 662 -13.93 -1.20 26.65
N PRO A 663 -13.96 -0.31 25.66
CA PRO A 663 -15.22 -0.02 24.96
C PRO A 663 -15.81 -1.27 24.33
N SER A 664 -17.11 -1.45 24.51
CA SER A 664 -17.88 -2.42 23.76
C SER A 664 -18.54 -1.70 22.59
N PRO A 665 -18.48 -2.24 21.36
CA PRO A 665 -17.96 -3.54 20.94
C PRO A 665 -16.44 -3.68 20.98
N ALA A 666 -15.97 -4.92 21.02
CA ALA A 666 -14.56 -5.24 20.96
C ALA A 666 -14.35 -6.25 19.83
N PRO A 667 -13.36 -6.04 18.96
CA PRO A 667 -13.22 -6.89 17.77
C PRO A 667 -12.91 -8.34 18.12
N GLN A 668 -13.24 -9.22 17.18
CA GLN A 668 -12.82 -10.62 17.23
C GLN A 668 -11.33 -10.72 17.47
N GLN A 669 -10.56 -10.26 16.49
CA GLN A 669 -9.11 -10.34 16.50
C GLN A 669 -8.56 -8.98 16.12
N GLU A 670 -7.27 -8.78 16.36
CA GLU A 670 -6.57 -7.60 15.89
C GLU A 670 -5.09 -7.96 15.77
N LEU A 671 -4.56 -7.82 14.56
CA LEU A 671 -3.13 -8.08 14.33
C LEU A 671 -2.30 -7.10 15.14
N VAL A 672 -1.74 -7.56 16.26
CA VAL A 672 -0.92 -6.70 17.12
C VAL A 672 0.57 -6.87 16.88
N ALA A 673 0.99 -7.93 16.21
CA ALA A 673 2.40 -8.06 15.85
C ALA A 673 2.55 -9.04 14.70
N TYR A 674 3.70 -9.01 14.06
CA TYR A 674 4.04 -10.01 13.06
C TYR A 674 5.52 -9.92 12.76
N THR A 675 6.11 -11.07 12.48
CA THR A 675 7.49 -11.14 12.02
C THR A 675 7.64 -12.25 11.00
N ARG A 676 8.72 -12.19 10.24
CA ARG A 676 9.00 -13.17 9.19
C ARG A 676 10.30 -13.90 9.53
N VAL A 677 10.17 -15.09 10.09
CA VAL A 677 11.33 -15.94 10.37
C VAL A 677 11.75 -16.60 9.07
N LYS A 678 12.93 -16.27 8.58
CA LYS A 678 13.35 -16.68 7.23
C LYS A 678 14.16 -17.97 7.29
N GLY A 679 13.84 -18.89 6.38
CA GLY A 679 14.65 -20.07 6.13
C GLY A 679 14.91 -20.96 7.33
N ILE A 680 13.88 -21.67 7.80
CA ILE A 680 14.04 -22.64 8.88
C ILE A 680 14.26 -24.00 8.25
N THR A 681 15.51 -24.49 8.32
CA THR A 681 15.82 -25.81 7.81
C THR A 681 15.04 -26.85 8.62
N PRO A 682 14.80 -28.03 8.04
CA PRO A 682 14.04 -29.06 8.75
C PRO A 682 14.70 -29.40 10.08
N GLY A 683 13.85 -29.56 11.10
CA GLY A 683 14.32 -29.95 12.42
C GLY A 683 14.67 -28.76 13.29
N ARG A 684 15.15 -27.70 12.66
CA ARG A 684 15.66 -26.55 13.39
C ARG A 684 14.53 -25.76 14.05
N THR A 685 14.85 -25.13 15.17
CA THR A 685 13.91 -24.31 15.94
C THR A 685 14.44 -22.88 15.98
N ALA A 686 13.73 -21.97 15.31
CA ALA A 686 14.07 -20.56 15.33
C ALA A 686 13.10 -19.80 16.25
N THR A 687 13.57 -18.67 16.77
CA THR A 687 12.82 -17.87 17.72
C THR A 687 12.27 -16.63 17.02
N ALA A 688 10.98 -16.36 17.24
CA ALA A 688 10.31 -15.21 16.66
C ALA A 688 10.05 -14.18 17.76
N ALA A 689 10.65 -13.00 17.61
CA ALA A 689 10.42 -11.89 18.53
C ALA A 689 9.22 -11.09 18.04
N LEU A 690 8.16 -11.07 18.85
CA LEU A 690 6.92 -10.39 18.49
C LEU A 690 6.66 -9.30 19.52
N SER A 691 6.78 -8.04 19.10
CA SER A 691 6.69 -6.90 19.98
C SER A 691 5.34 -6.22 19.82
N VAL A 692 4.62 -6.05 20.93
CA VAL A 692 3.35 -5.34 20.97
C VAL A 692 3.57 -4.01 21.69
N THR A 693 2.97 -2.95 21.16
CA THR A 693 3.08 -1.63 21.77
C THR A 693 1.80 -1.29 22.53
N LEU A 694 1.88 -0.21 23.31
CA LEU A 694 0.70 0.26 24.03
C LEU A 694 -0.38 0.76 23.08
N GLY A 695 0.00 1.35 21.95
CA GLY A 695 -0.97 1.86 21.01
C GLY A 695 -1.76 0.79 20.29
N SER A 696 -1.15 -0.40 20.10
CA SER A 696 -1.82 -1.51 19.44
C SER A 696 -2.65 -2.35 20.40
N ILE A 697 -2.39 -2.26 21.70
CA ILE A 697 -3.18 -2.96 22.70
C ILE A 697 -4.25 -2.06 23.30
N ALA A 698 -4.07 -0.74 23.25
CA ALA A 698 -5.06 0.18 23.76
C ALA A 698 -6.32 0.14 22.90
N ARG A 699 -7.38 0.77 23.40
CA ARG A 699 -8.68 0.77 22.75
C ARG A 699 -9.11 2.18 22.42
N VAL A 700 -9.79 2.34 21.30
CA VAL A 700 -10.30 3.63 20.85
C VAL A 700 -11.77 3.72 21.21
N ASP A 701 -12.14 4.74 21.98
CA ASP A 701 -13.51 4.90 22.44
C ASP A 701 -14.28 5.78 21.46
N GLU A 702 -15.50 6.18 21.86
CA GLU A 702 -16.34 6.99 20.99
C GLU A 702 -15.68 8.33 20.66
N SER A 703 -14.94 8.90 21.61
CA SER A 703 -14.25 10.16 21.40
C SER A 703 -13.06 10.03 20.46
N GLY A 704 -12.71 8.82 20.02
CA GLY A 704 -11.53 8.63 19.22
C GLY A 704 -10.23 8.63 19.99
N VAL A 705 -10.29 8.56 21.31
CA VAL A 705 -9.11 8.62 22.16
C VAL A 705 -8.57 7.22 22.36
N ARG A 706 -7.25 7.08 22.34
CA ARG A 706 -6.57 5.81 22.52
C ARG A 706 -6.15 5.67 23.98
N SER A 707 -6.73 4.71 24.69
CA SER A 707 -6.47 4.56 26.11
C SER A 707 -6.39 3.08 26.47
N LEU A 708 -5.70 2.80 27.57
CA LEU A 708 -5.53 1.44 28.07
C LEU A 708 -6.64 1.12 29.06
N TYR A 709 -7.23 -0.07 28.92
CA TYR A 709 -8.30 -0.48 29.80
C TYR A 709 -7.97 -1.80 30.47
N PRO A 710 -8.34 -1.97 31.73
CA PRO A 710 -7.96 -3.19 32.47
C PRO A 710 -8.91 -4.34 32.20
N GLY A 711 -8.36 -5.54 32.31
CA GLY A 711 -9.14 -6.76 32.16
C GLY A 711 -8.29 -7.85 31.54
N LYS A 712 -8.98 -8.91 31.09
CA LYS A 712 -8.34 -10.08 30.53
C LYS A 712 -8.15 -9.91 29.03
N TYR A 713 -6.91 -10.10 28.57
CA TYR A 713 -6.56 -10.09 27.16
C TYR A 713 -6.00 -11.45 26.78
N SER A 714 -6.33 -11.92 25.59
CA SER A 714 -5.80 -13.17 25.07
C SER A 714 -5.06 -12.90 23.78
N VAL A 715 -4.05 -13.73 23.48
CA VAL A 715 -3.19 -13.51 22.32
C VAL A 715 -2.78 -14.86 21.75
N TRP A 716 -2.87 -15.00 20.43
CA TRP A 716 -2.43 -16.21 19.75
C TRP A 716 -1.53 -15.83 18.58
N VAL A 717 -1.04 -16.83 17.84
CA VAL A 717 0.08 -16.62 16.94
C VAL A 717 -0.27 -16.88 15.49
N ASP A 718 -1.26 -17.74 15.24
CA ASP A 718 -1.64 -18.04 13.86
C ASP A 718 -3.16 -18.00 13.72
N THR A 719 -3.60 -17.98 12.46
CA THR A 719 -5.03 -18.08 12.18
C THR A 719 -5.60 -19.41 12.65
N THR A 720 -4.75 -20.40 12.92
CA THR A 720 -5.14 -21.68 13.47
C THR A 720 -5.01 -21.74 14.98
N ARG A 721 -4.56 -20.65 15.61
CA ARG A 721 -4.36 -20.58 17.06
C ARG A 721 -3.41 -21.68 17.54
N GLU A 722 -2.18 -21.63 17.02
CA GLU A 722 -1.18 -22.62 17.39
C GLU A 722 -0.93 -22.63 18.90
N ILE A 723 -0.47 -21.50 19.43
CA ILE A 723 -0.33 -21.33 20.87
C ILE A 723 -1.10 -20.08 21.27
N MET A 724 -1.54 -20.05 22.53
CA MET A 724 -2.32 -18.94 23.05
C MET A 724 -1.88 -18.65 24.47
N HIS A 725 -2.00 -17.38 24.85
CA HIS A 725 -1.60 -16.92 26.18
C HIS A 725 -2.51 -15.78 26.60
N THR A 726 -2.99 -15.85 27.84
CA THR A 726 -3.92 -14.85 28.38
C THR A 726 -3.23 -14.13 29.53
N PHE A 727 -3.18 -12.80 29.43
CA PHE A 727 -2.66 -11.95 30.49
C PHE A 727 -3.76 -10.99 30.94
N GLU A 728 -3.44 -10.17 31.93
CA GLU A 728 -4.39 -9.21 32.47
C GLU A 728 -3.73 -7.86 32.66
N LEU A 729 -4.46 -6.81 32.31
CA LEU A 729 -4.09 -5.44 32.65
C LEU A 729 -4.84 -5.05 33.91
N THR A 730 -4.15 -4.44 34.86
CA THR A 730 -4.77 -4.04 36.12
C THR A 730 -4.58 -2.54 36.32
N GLY A 731 -5.19 -2.03 37.38
CA GLY A 731 -5.07 -0.64 37.72
C GLY A 731 -6.19 0.20 37.12
N LYS A 732 -5.89 1.48 36.96
CA LYS A 732 -6.84 2.46 36.46
C LYS A 732 -6.62 2.69 34.97
N THR A 733 -7.72 3.02 34.28
CA THR A 733 -7.64 3.31 32.85
C THR A 733 -6.90 4.62 32.62
N THR A 734 -5.95 4.60 31.69
CA THR A 734 -5.10 5.74 31.43
C THR A 734 -5.11 6.06 29.94
N GLN A 735 -5.26 7.35 29.61
CA GLN A 735 -5.25 7.78 28.22
C GLN A 735 -3.84 7.77 27.68
N ILE A 736 -3.65 7.17 26.50
CA ILE A 736 -2.35 7.05 25.88
C ILE A 736 -2.15 8.09 24.79
N LEU A 737 -3.20 8.37 24.02
CA LEU A 737 -3.11 9.30 22.88
C LEU A 737 -4.43 10.00 22.73
N GLY A 738 -4.42 11.33 22.84
CA GLY A 738 -5.61 12.12 22.67
C GLY A 738 -6.08 12.14 21.23
N TRP A 739 -7.12 12.93 20.99
CA TRP A 739 -7.67 13.05 19.65
C TRP A 739 -8.41 14.37 19.50
N PRO A 740 -7.92 15.29 18.66
CA PRO A 740 -8.66 16.54 18.42
C PRO A 740 -10.05 16.26 17.89
N GLN A 741 -11.04 16.93 18.48
CA GLN A 741 -12.43 16.72 18.11
C GLN A 741 -12.75 17.45 16.80
N PRO A 742 -13.71 16.93 16.03
CA PRO A 742 -14.08 17.58 14.76
C PRO A 742 -14.43 19.04 14.95
N ARG A 743 -13.84 19.89 14.12
CA ARG A 743 -14.04 21.34 14.21
C ARG A 743 -15.39 21.75 13.63
#